data_2ZP9
#
_entry.id   2ZP9
#
_cell.length_a   197.134
_cell.length_b   197.135
_cell.length_c   56.658
_cell.angle_alpha   90.00
_cell.angle_beta   90.00
_cell.angle_gamma   120.00
#
_symmetry.space_group_name_H-M   'P 6'
#
loop_
_entity.id
_entity.type
_entity.pdbx_description
1 polymer 'Transcription attenuation protein mtrB'
2 polymer 'Tryptophan RNA-binding attenuator protein-inhibitory protein'
3 non-polymer TRYPTOPHAN
4 non-polymer 'ZINC ION'
#
loop_
_entity_poly.entity_id
_entity_poly.type
_entity_poly.pdbx_seq_one_letter_code
_entity_poly.pdbx_strand_id
1 'polypeptide(L)'
;MYTNSDFVVIKALEDGVNVIGLTRGADTRFHHSEKLDKGEVLIAQFTEHTSAIKVRGKAYIQTRHGVIESEGKKAAAAAA
A
;
A,B,F,G,K,L
2 'polypeptide(L)' MVIATDDLEVACPKCERAGEIEGTPCPACSGKGVILTAQGYTLLDFIQKHLNK C,D,E,H,I,J,M,N,O
#
loop_
_chem_comp.id
_chem_comp.type
_chem_comp.name
_chem_comp.formula
ZN non-polymer 'ZINC ION' 'Zn 2'
#
# COMPACT_ATOMS: atom_id res chain seq x y z
N SER A 5 14.16 -35.58 40.45
CA SER A 5 15.10 -34.44 40.20
C SER A 5 15.89 -34.62 38.87
N ASP A 6 15.24 -34.22 37.77
CA ASP A 6 15.64 -34.58 36.39
C ASP A 6 16.85 -33.84 35.87
N PHE A 7 17.58 -34.49 34.97
CA PHE A 7 18.76 -33.91 34.35
C PHE A 7 18.95 -34.36 32.90
N VAL A 8 19.70 -33.56 32.14
CA VAL A 8 19.97 -33.79 30.72
C VAL A 8 21.47 -33.98 30.54
N VAL A 9 21.85 -34.97 29.74
CA VAL A 9 23.24 -35.18 29.32
C VAL A 9 23.44 -34.56 27.95
N ILE A 10 24.41 -33.66 27.81
CA ILE A 10 24.71 -33.08 26.51
C ILE A 10 26.19 -33.29 26.20
N LYS A 11 26.45 -34.04 25.14
CA LYS A 11 27.78 -34.20 24.60
C LYS A 11 27.87 -33.48 23.25
N ALA A 12 28.75 -32.48 23.19
CA ALA A 12 29.00 -31.73 21.97
C ALA A 12 29.71 -32.60 20.93
N LEU A 13 29.12 -32.68 19.74
CA LEU A 13 29.66 -33.49 18.66
C LEU A 13 30.44 -32.63 17.68
N GLU A 14 30.29 -31.31 17.83
CA GLU A 14 31.05 -30.34 17.04
C GLU A 14 31.46 -29.17 17.93
N ASP A 15 32.27 -28.26 17.39
CA ASP A 15 32.71 -27.07 18.11
C ASP A 15 31.60 -26.03 18.24
N GLY A 16 31.59 -25.32 19.37
CA GLY A 16 30.68 -24.18 19.57
C GLY A 16 29.24 -24.52 19.88
N VAL A 17 28.99 -25.70 20.44
CA VAL A 17 27.63 -26.11 20.81
C VAL A 17 27.16 -25.29 22.00
N ASN A 18 25.92 -24.83 21.92
CA ASN A 18 25.35 -23.98 22.96
C ASN A 18 24.27 -24.67 23.78
N VAL A 19 24.40 -24.58 25.10
CA VAL A 19 23.36 -24.99 26.02
C VAL A 19 22.84 -23.72 26.68
N ILE A 20 21.60 -23.36 26.35
CA ILE A 20 21.01 -22.15 26.88
C ILE A 20 19.95 -22.52 27.92
N GLY A 21 20.01 -21.87 29.07
CA GLY A 21 19.06 -22.13 30.14
C GLY A 21 17.98 -21.08 30.23
N LEU A 22 16.74 -21.53 30.16
CA LEU A 22 15.56 -20.66 30.24
C LEU A 22 15.02 -20.57 31.65
N THR A 23 14.51 -19.41 32.04
CA THR A 23 14.14 -19.15 33.42
C THR A 23 12.77 -19.71 33.77
N ARG A 24 12.70 -20.35 34.94
CA ARG A 24 11.45 -20.78 35.53
C ARG A 24 10.75 -19.52 36.01
N GLY A 25 9.46 -19.39 35.65
CA GLY A 25 8.64 -18.28 36.11
C GLY A 25 7.73 -17.71 35.04
N ALA A 26 7.01 -16.66 35.41
CA ALA A 26 5.97 -16.04 34.58
C ALA A 26 6.49 -15.61 33.22
N ASP A 27 7.72 -15.09 33.23
CA ASP A 27 8.40 -14.58 32.03
C ASP A 27 9.65 -15.40 31.79
N THR A 28 10.08 -15.47 30.55
CA THR A 28 11.10 -16.43 30.15
C THR A 28 12.24 -15.79 29.36
N ARG A 29 13.44 -15.83 29.91
CA ARG A 29 14.57 -15.29 29.20
C ARG A 29 15.76 -16.24 29.22
N PHE A 30 16.75 -16.00 28.36
CA PHE A 30 18.00 -16.75 28.41
C PHE A 30 18.83 -16.20 29.56
N HIS A 31 18.88 -16.94 30.67
CA HIS A 31 19.59 -16.47 31.83
C HIS A 31 21.05 -16.90 31.81
N HIS A 32 21.35 -18.00 31.15
CA HIS A 32 22.72 -18.44 31.00
C HIS A 32 22.89 -19.35 29.82
N SER A 33 23.98 -19.15 29.07
CA SER A 33 24.35 -20.02 27.97
C SER A 33 25.74 -20.59 28.15
N GLU A 34 25.83 -21.92 28.15
CA GLU A 34 27.11 -22.60 28.32
C GLU A 34 27.65 -23.04 26.96
N LYS A 35 28.97 -23.02 26.82
CA LYS A 35 29.60 -23.36 25.54
C LYS A 35 30.31 -24.72 25.59
N LEU A 36 30.08 -25.52 24.56
CA LEU A 36 30.67 -26.85 24.47
C LEU A 36 31.39 -27.07 23.15
N ASP A 37 32.71 -27.24 23.24
CA ASP A 37 33.53 -27.55 22.08
C ASP A 37 33.68 -29.05 21.92
N LYS A 38 33.78 -29.49 20.67
CA LYS A 38 33.68 -30.91 20.31
C LYS A 38 34.23 -31.85 21.37
N GLY A 39 33.35 -32.72 21.87
CA GLY A 39 33.74 -33.76 22.79
C GLY A 39 33.57 -33.39 24.25
N GLU A 40 33.11 -32.17 24.52
CA GLU A 40 32.85 -31.76 25.89
C GLU A 40 31.46 -32.15 26.37
N VAL A 41 31.37 -32.59 27.62
CA VAL A 41 30.10 -33.04 28.19
C VAL A 41 29.58 -32.07 29.27
N LEU A 42 28.29 -31.77 29.22
CA LEU A 42 27.65 -31.03 30.29
C LEU A 42 26.51 -31.88 30.80
N ILE A 43 26.48 -32.09 32.11
CA ILE A 43 25.35 -32.75 32.76
C ILE A 43 24.59 -31.66 33.54
N ALA A 44 23.32 -31.45 33.18
CA ALA A 44 22.58 -30.30 33.65
C ALA A 44 21.25 -30.70 34.23
N GLN A 45 20.98 -30.23 35.45
CA GLN A 45 19.70 -30.46 36.13
C GLN A 45 18.72 -29.37 35.80
N PHE A 46 17.43 -29.72 35.69
CA PHE A 46 16.34 -28.73 35.69
C PHE A 46 16.27 -28.24 37.10
N THR A 47 16.19 -26.94 37.30
CA THR A 47 16.36 -26.43 38.65
C THR A 47 15.29 -25.43 39.06
N GLU A 48 15.37 -24.98 40.31
CA GLU A 48 14.52 -23.92 40.84
C GLU A 48 14.45 -22.78 39.84
N HIS A 49 15.61 -22.38 39.31
CA HIS A 49 15.67 -21.24 38.41
C HIS A 49 15.68 -21.60 36.94
N THR A 50 15.88 -22.87 36.60
CA THR A 50 15.94 -23.31 35.20
C THR A 50 14.93 -24.43 34.88
N SER A 51 13.99 -24.13 33.98
CA SER A 51 12.93 -25.06 33.59
C SER A 51 12.86 -25.37 32.09
N ALA A 52 13.82 -24.88 31.31
CA ALA A 52 13.99 -25.28 29.90
C ALA A 52 15.43 -25.14 29.41
N ILE A 53 15.91 -26.20 28.77
CA ILE A 53 17.26 -26.29 28.29
C ILE A 53 17.12 -26.24 26.78
N LYS A 54 17.92 -25.40 26.14
CA LYS A 54 17.94 -25.27 24.69
C LYS A 54 19.33 -25.62 24.20
N VAL A 55 19.38 -26.54 23.23
CA VAL A 55 20.62 -27.06 22.67
C VAL A 55 20.80 -26.62 21.22
N ARG A 56 21.83 -25.80 20.98
CA ARG A 56 22.19 -25.27 19.65
C ARG A 56 23.41 -25.99 19.12
N GLY A 57 23.34 -26.50 17.91
CA GLY A 57 24.50 -27.10 17.25
C GLY A 57 24.57 -28.60 17.46
N LYS A 58 25.22 -29.32 16.53
CA LYS A 58 25.29 -30.78 16.60
C LYS A 58 25.79 -31.31 17.95
N ALA A 59 24.94 -32.10 18.60
CA ALA A 59 25.17 -32.60 19.94
C ALA A 59 24.41 -33.90 20.21
N TYR A 60 24.98 -34.74 21.08
CA TYR A 60 24.35 -36.00 21.49
C TYR A 60 23.68 -35.75 22.83
N ILE A 61 22.40 -36.10 22.94
CA ILE A 61 21.61 -35.78 24.14
C ILE A 61 20.98 -37.00 24.78
N GLN A 62 21.14 -37.14 26.09
CA GLN A 62 20.51 -38.22 26.83
C GLN A 62 19.62 -37.66 27.90
N THR A 63 18.40 -38.18 27.95
CA THR A 63 17.34 -37.70 28.81
C THR A 63 16.68 -38.90 29.49
N ARG A 64 15.81 -38.66 30.47
CA ARG A 64 14.97 -39.71 31.05
C ARG A 64 14.17 -40.41 29.96
N HIS A 65 14.03 -39.76 28.81
CA HIS A 65 13.22 -40.25 27.71
C HIS A 65 13.98 -41.11 26.70
N GLY A 66 15.29 -41.22 26.91
CA GLY A 66 16.14 -41.95 25.98
C GLY A 66 17.14 -41.02 25.32
N VAL A 67 17.18 -41.05 23.99
CA VAL A 67 18.25 -40.40 23.23
C VAL A 67 17.85 -40.02 21.80
N SER B 5 7.74 -34.54 38.06
CA SER B 5 8.25 -33.46 37.16
C SER B 5 8.31 -33.90 35.67
N ASP B 6 7.27 -33.59 34.89
CA ASP B 6 7.24 -34.03 33.50
C ASP B 6 7.79 -33.01 32.51
N PHE B 7 8.38 -33.53 31.44
CA PHE B 7 9.00 -32.71 30.40
C PHE B 7 8.85 -33.31 29.00
N VAL B 8 8.94 -32.45 28.00
CA VAL B 8 8.81 -32.81 26.59
C VAL B 8 10.14 -32.52 25.90
N VAL B 9 10.58 -33.47 25.07
CA VAL B 9 11.73 -33.25 24.18
C VAL B 9 11.22 -32.83 22.80
N ILE B 10 11.68 -31.68 22.30
CA ILE B 10 11.35 -31.24 20.95
C ILE B 10 12.61 -31.03 20.13
N LYS B 11 12.77 -31.81 19.07
CA LYS B 11 13.82 -31.58 18.09
C LYS B 11 13.20 -31.11 16.76
N ALA B 12 13.55 -29.89 16.35
CA ALA B 12 13.10 -29.33 15.07
C ALA B 12 13.69 -30.09 13.89
N LEU B 13 12.83 -30.57 13.01
CA LEU B 13 13.29 -31.30 11.83
C LEU B 13 13.32 -30.41 10.58
N GLU B 14 12.72 -29.23 10.71
CA GLU B 14 12.79 -28.20 9.68
C GLU B 14 12.98 -26.83 10.32
N ASP B 15 13.17 -25.82 9.50
CA ASP B 15 13.40 -24.47 10.02
C ASP B 15 12.11 -23.80 10.48
N GLY B 16 12.19 -22.97 11.52
CA GLY B 16 11.05 -22.17 11.99
C GLY B 16 9.99 -22.91 12.78
N VAL B 17 10.37 -24.02 13.42
CA VAL B 17 9.48 -24.77 14.31
C VAL B 17 9.14 -23.97 15.56
N ASN B 18 7.85 -23.95 15.91
CA ASN B 18 7.41 -23.18 17.06
C ASN B 18 7.01 -24.04 18.26
N VAL B 19 7.52 -23.71 19.43
CA VAL B 19 7.04 -24.28 20.67
C VAL B 19 6.34 -23.15 21.41
N ILE B 20 5.02 -23.26 21.56
CA ILE B 20 4.23 -22.25 22.23
C ILE B 20 3.75 -22.79 23.58
N GLY B 21 3.95 -22.00 24.62
CA GLY B 21 3.54 -22.39 25.95
C GLY B 21 2.26 -21.73 26.37
N LEU B 22 1.28 -22.56 26.75
CA LEU B 22 -0.02 -22.07 27.24
C LEU B 22 -0.02 -21.92 28.76
N THR B 23 -0.78 -20.96 29.27
CA THR B 23 -0.74 -20.66 30.69
C THR B 23 -1.61 -21.57 31.54
N ARG B 24 -1.08 -21.99 32.68
CA ARG B 24 -1.84 -22.69 33.73
C ARG B 24 -2.76 -21.66 34.35
N GLY B 25 -4.02 -22.04 34.52
CA GLY B 25 -4.99 -21.18 35.18
C GLY B 25 -6.34 -21.16 34.50
N ALA B 26 -7.24 -20.37 35.05
CA ALA B 26 -8.64 -20.30 34.61
C ALA B 26 -8.76 -19.93 33.15
N ASP B 27 -7.89 -19.02 32.70
CA ASP B 27 -7.87 -18.55 31.31
C ASP B 27 -6.57 -18.97 30.65
N THR B 28 -6.58 -19.08 29.32
CA THR B 28 -5.47 -19.70 28.61
C THR B 28 -4.98 -18.84 27.48
N ARG B 29 -3.72 -18.44 27.53
CA ARG B 29 -3.14 -17.65 26.45
C ARG B 29 -1.78 -18.15 26.07
N PHE B 30 -1.28 -17.73 24.93
CA PHE B 30 0.09 -18.02 24.57
C PHE B 30 0.99 -17.00 25.28
N HIS B 31 1.68 -17.47 26.32
CA HIS B 31 2.52 -16.57 27.11
C HIS B 31 3.94 -16.56 26.63
N HIS B 32 4.35 -17.59 25.90
CA HIS B 32 5.68 -17.58 25.33
C HIS B 32 5.79 -18.54 24.17
N SER B 33 6.38 -18.11 23.08
CA SER B 33 6.74 -19.07 22.03
C SER B 33 8.21 -19.07 21.66
N GLU B 34 8.78 -20.27 21.65
CA GLU B 34 10.18 -20.42 21.35
C GLU B 34 10.37 -20.88 19.89
N LYS B 35 11.49 -20.49 19.30
CA LYS B 35 11.79 -20.75 17.90
C LYS B 35 12.85 -21.83 17.77
N LEU B 36 12.61 -22.83 16.93
CA LEU B 36 13.61 -23.87 16.65
C LEU B 36 13.88 -24.03 15.16
N ASP B 37 15.12 -23.71 14.76
CA ASP B 37 15.54 -23.91 13.38
C ASP B 37 16.20 -25.28 13.23
N LYS B 38 16.02 -25.90 12.06
CA LYS B 38 16.35 -27.31 11.83
C LYS B 38 17.50 -27.81 12.69
N GLY B 39 17.23 -28.84 13.47
CA GLY B 39 18.26 -29.53 14.23
C GLY B 39 18.43 -29.00 15.63
N GLU B 40 17.68 -27.97 16.01
CA GLU B 40 17.74 -27.43 17.37
C GLU B 40 16.81 -28.18 18.33
N VAL B 41 17.29 -28.40 19.54
CA VAL B 41 16.54 -29.14 20.54
C VAL B 41 16.07 -28.22 21.66
N LEU B 42 14.83 -28.40 22.09
CA LEU B 42 14.36 -27.76 23.31
C LEU B 42 13.82 -28.82 24.23
N ILE B 43 14.30 -28.84 25.47
CA ILE B 43 13.72 -29.68 26.50
C ILE B 43 12.94 -28.79 27.45
N ALA B 44 11.64 -29.06 27.58
CA ALA B 44 10.75 -28.16 28.30
C ALA B 44 9.91 -28.89 29.33
N GLN B 45 9.91 -28.36 30.54
CA GLN B 45 9.12 -28.92 31.62
C GLN B 45 7.75 -28.27 31.66
N PHE B 46 6.73 -29.02 32.07
CA PHE B 46 5.42 -28.43 32.38
C PHE B 46 5.65 -27.77 33.71
N THR B 47 5.19 -26.54 33.87
CA THR B 47 5.59 -25.81 35.06
C THR B 47 4.41 -25.22 35.79
N GLU B 48 4.69 -24.56 36.90
CA GLU B 48 3.70 -23.79 37.63
C GLU B 48 2.93 -22.89 36.68
N HIS B 49 3.64 -22.22 35.77
CA HIS B 49 3.02 -21.27 34.87
C HIS B 49 2.59 -21.87 33.54
N THR B 50 3.14 -23.02 33.17
CA THR B 50 2.87 -23.63 31.85
C THR B 50 2.32 -25.05 31.94
N SER B 51 1.08 -25.24 31.45
CA SER B 51 0.40 -26.54 31.48
C SER B 51 0.00 -27.12 30.13
N ALA B 52 0.40 -26.47 29.03
CA ALA B 52 0.25 -27.05 27.70
C ALA B 52 1.28 -26.49 26.71
N ILE B 53 1.91 -27.39 25.99
CA ILE B 53 2.89 -27.04 25.01
C ILE B 53 2.27 -27.36 23.67
N LYS B 54 2.42 -26.42 22.73
CA LYS B 54 1.94 -26.54 21.37
C LYS B 54 3.13 -26.52 20.44
N VAL B 55 3.24 -27.54 19.60
CA VAL B 55 4.33 -27.64 18.64
C VAL B 55 3.85 -27.42 17.19
N ARG B 56 4.37 -26.38 16.56
CA ARG B 56 3.98 -26.02 15.19
C ARG B 56 5.17 -26.28 14.28
N GLY B 57 4.94 -27.03 13.20
CA GLY B 57 5.97 -27.29 12.18
C GLY B 57 6.65 -28.63 12.39
N LYS B 58 7.16 -29.23 11.31
CA LYS B 58 7.78 -30.56 11.38
C LYS B 58 8.82 -30.68 12.50
N ALA B 59 8.56 -31.59 13.44
CA ALA B 59 9.39 -31.76 14.62
C ALA B 59 9.32 -33.18 15.17
N TYR B 60 10.40 -33.62 15.81
CA TYR B 60 10.47 -34.92 16.47
C TYR B 60 10.23 -34.68 17.95
N ILE B 61 9.26 -35.40 18.53
CA ILE B 61 8.86 -35.17 19.93
C ILE B 61 8.95 -36.42 20.81
N GLN B 62 9.58 -36.29 21.96
CA GLN B 62 9.65 -37.37 22.94
C GLN B 62 9.00 -36.97 24.27
N THR B 63 8.06 -37.80 24.73
CA THR B 63 7.39 -37.57 26.03
C THR B 63 7.41 -38.85 26.85
N ARG B 64 6.77 -38.83 28.02
CA ARG B 64 6.68 -40.03 28.84
C ARG B 64 5.91 -41.15 28.11
N HIS B 65 5.09 -40.77 27.13
CA HIS B 65 4.30 -41.72 26.37
C HIS B 65 5.02 -42.29 25.14
N GLY B 66 5.82 -41.46 24.48
CA GLY B 66 6.64 -41.96 23.38
C GLY B 66 7.12 -40.94 22.36
N VAL B 67 7.07 -41.36 21.10
CA VAL B 67 7.62 -40.60 19.99
C VAL B 67 6.53 -40.27 18.96
N ILE B 68 6.65 -39.08 18.37
CA ILE B 68 5.81 -38.62 17.27
C ILE B 68 6.65 -37.78 16.32
N MET C 1 19.60 -14.43 19.88
CA MET C 1 19.53 -15.84 20.36
C MET C 1 20.82 -16.24 21.12
N VAL C 2 21.95 -15.84 20.55
CA VAL C 2 23.26 -16.13 21.11
C VAL C 2 23.58 -15.22 22.29
N ILE C 3 22.62 -14.39 22.72
CA ILE C 3 22.88 -13.45 23.82
C ILE C 3 22.08 -13.71 25.10
N ALA C 4 22.78 -14.14 26.13
CA ALA C 4 22.19 -14.51 27.42
C ALA C 4 22.26 -13.31 28.36
N THR C 5 21.76 -13.48 29.58
CA THR C 5 21.81 -12.43 30.59
C THR C 5 23.24 -12.23 31.14
N ASP C 6 23.99 -13.33 31.22
CA ASP C 6 25.40 -13.24 31.62
C ASP C 6 26.19 -12.33 30.70
N ASP C 7 25.78 -12.24 29.44
CA ASP C 7 26.45 -11.40 28.46
C ASP C 7 26.05 -9.91 28.60
N LEU C 8 25.07 -9.60 29.46
CA LEU C 8 24.56 -8.21 29.58
C LEU C 8 24.75 -7.61 30.98
N GLU C 9 24.58 -8.43 32.01
CA GLU C 9 24.69 -7.98 33.40
C GLU C 9 25.40 -9.04 34.24
N VAL C 10 26.53 -8.67 34.83
CA VAL C 10 27.21 -9.54 35.76
C VAL C 10 27.12 -8.97 37.18
N ALA C 11 27.06 -9.86 38.16
CA ALA C 11 26.99 -9.49 39.57
C ALA C 11 28.26 -8.77 39.99
N CYS C 12 28.10 -7.80 40.88
CA CYS C 12 29.20 -7.03 41.45
C CYS C 12 30.00 -7.88 42.44
N PRO C 13 31.31 -8.07 42.18
CA PRO C 13 32.21 -8.86 43.03
C PRO C 13 32.38 -8.30 44.44
N LYS C 14 32.03 -7.03 44.64
CA LYS C 14 32.14 -6.39 45.94
C LYS C 14 30.90 -6.62 46.81
N CYS C 15 29.73 -6.30 46.26
CA CYS C 15 28.47 -6.43 46.98
C CYS C 15 27.65 -7.61 46.46
N GLU C 16 28.31 -8.73 46.17
CA GLU C 16 27.68 -9.88 45.48
C GLU C 16 26.15 -9.76 45.33
N ARG C 17 25.74 -8.94 44.37
CA ARG C 17 24.33 -8.76 43.96
C ARG C 17 23.44 -8.02 44.97
N ALA C 18 24.03 -7.49 46.03
CA ALA C 18 23.26 -6.89 47.14
C ALA C 18 23.02 -5.38 47.02
N GLY C 19 24.09 -4.59 47.17
CA GLY C 19 23.97 -3.14 47.16
C GLY C 19 24.63 -2.47 45.96
N CYS C 26 26.93 0.62 47.41
CA CYS C 26 28.19 0.13 46.87
C CYS C 26 28.73 1.05 45.77
N PRO C 27 29.97 1.56 45.94
CA PRO C 27 30.61 2.42 44.96
C PRO C 27 30.99 1.70 43.67
N ALA C 28 31.38 0.43 43.79
CA ALA C 28 31.86 -0.35 42.65
C ALA C 28 30.83 -0.50 41.53
N CYS C 29 29.57 -0.70 41.91
CA CYS C 29 28.47 -0.89 40.97
C CYS C 29 27.53 0.30 40.94
N SER C 30 27.75 1.27 41.84
CA SER C 30 26.89 2.44 42.01
C SER C 30 25.44 2.07 42.38
N GLY C 31 25.30 1.11 43.29
CA GLY C 31 23.98 0.69 43.77
C GLY C 31 23.24 -0.24 42.83
N LYS C 32 23.85 -0.52 41.68
CA LYS C 32 23.30 -1.45 40.70
C LYS C 32 23.29 -2.88 41.27
N GLY C 33 24.43 -3.31 41.80
CA GLY C 33 24.64 -4.72 42.15
C GLY C 33 25.00 -5.52 40.91
N VAL C 34 24.64 -4.98 39.77
CA VAL C 34 24.94 -5.59 38.47
C VAL C 34 25.85 -4.68 37.66
N ILE C 35 27.10 -5.11 37.51
CA ILE C 35 28.00 -4.47 36.56
C ILE C 35 27.47 -4.82 35.19
N LEU C 36 27.30 -3.80 34.35
CA LEU C 36 26.97 -4.06 32.96
C LEU C 36 28.23 -4.42 32.19
N THR C 37 28.11 -5.37 31.27
CA THR C 37 29.23 -5.77 30.44
C THR C 37 29.37 -4.79 29.29
N ALA C 38 30.47 -4.91 28.53
CA ALA C 38 30.67 -4.10 27.33
C ALA C 38 29.52 -4.31 26.33
N GLN C 39 29.17 -5.58 26.11
CA GLN C 39 28.03 -5.99 25.30
C GLN C 39 26.74 -5.31 25.74
N GLY C 40 26.58 -5.18 27.06
CA GLY C 40 25.43 -4.53 27.66
C GLY C 40 25.30 -3.08 27.21
N TYR C 41 26.36 -2.31 27.45
CA TYR C 41 26.39 -0.90 27.07
C TYR C 41 26.19 -0.71 25.58
N THR C 42 26.91 -1.49 24.77
CA THR C 42 26.76 -1.47 23.32
C THR C 42 25.29 -1.40 22.91
N LEU C 43 24.50 -2.34 23.41
CA LEU C 43 23.07 -2.40 23.12
C LEU C 43 22.37 -1.18 23.66
N LEU C 44 22.60 -0.89 24.93
CA LEU C 44 21.89 0.17 25.63
C LEU C 44 22.16 1.55 25.01
N ASP C 45 23.42 1.84 24.72
CA ASP C 45 23.80 3.10 24.09
C ASP C 45 23.15 3.23 22.72
N PHE C 46 23.12 2.13 21.97
CA PHE C 46 22.49 2.10 20.66
C PHE C 46 21.00 2.41 20.74
N ILE C 47 20.32 1.77 21.69
CA ILE C 47 18.88 1.97 21.84
C ILE C 47 18.55 3.37 22.34
N GLN C 48 19.29 3.84 23.34
CA GLN C 48 19.04 5.18 23.92
C GLN C 48 19.24 6.28 22.90
N LYS C 49 20.24 6.11 22.04
CA LYS C 49 20.57 7.11 21.01
C LYS C 49 19.52 7.20 19.88
N HIS C 50 18.75 6.13 19.69
CA HIS C 50 17.85 6.03 18.54
C HIS C 50 16.35 5.90 18.86
N LEU C 51 16.04 5.59 20.12
CA LEU C 51 14.66 5.41 20.57
C LEU C 51 13.77 6.62 20.27
N ASN C 52 12.65 6.38 19.60
CA ASN C 52 11.66 7.41 19.24
C ASN C 52 12.22 8.50 18.31
N MET D 1 33.25 -9.03 20.79
CA MET D 1 32.20 -9.79 21.53
C MET D 1 30.99 -10.12 20.64
N VAL D 2 30.10 -10.97 21.15
CA VAL D 2 28.93 -11.50 20.40
C VAL D 2 28.26 -10.52 19.42
N ILE D 3 28.18 -9.25 19.80
CA ILE D 3 27.71 -8.20 18.89
C ILE D 3 28.50 -6.91 19.14
N ALA D 4 28.52 -6.02 18.14
CA ALA D 4 29.23 -4.75 18.28
C ALA D 4 28.38 -3.56 17.84
N THR D 5 28.73 -2.36 18.33
CA THR D 5 28.07 -1.14 17.88
C THR D 5 28.28 -0.97 16.38
N ASP D 6 29.47 -1.32 15.91
CA ASP D 6 29.78 -1.32 14.48
C ASP D 6 28.81 -2.20 13.67
N ASP D 7 28.32 -3.27 14.30
CA ASP D 7 27.34 -4.18 13.69
C ASP D 7 25.92 -3.59 13.70
N LEU D 8 25.75 -2.53 14.47
CA LEU D 8 24.47 -1.85 14.57
C LEU D 8 24.39 -0.63 13.64
N GLU D 9 25.45 0.19 13.65
CA GLU D 9 25.50 1.42 12.84
C GLU D 9 26.85 1.67 12.18
N VAL D 10 26.81 2.02 10.90
CA VAL D 10 27.97 2.51 10.15
C VAL D 10 27.82 4.03 9.97
N ALA D 11 28.91 4.77 10.15
CA ALA D 11 28.89 6.23 10.05
C ALA D 11 28.39 6.74 8.69
N CYS D 12 27.56 7.78 8.70
CA CYS D 12 27.05 8.39 7.48
C CYS D 12 28.19 8.87 6.59
N PRO D 13 28.30 8.25 5.40
CA PRO D 13 29.34 8.54 4.42
C PRO D 13 29.34 9.99 3.94
N LYS D 14 28.24 10.70 4.16
CA LYS D 14 28.13 12.10 3.76
C LYS D 14 28.68 13.04 4.85
N CYS D 15 28.19 12.88 6.08
CA CYS D 15 28.62 13.72 7.20
C CYS D 15 29.51 12.99 8.23
N GLU D 16 30.52 12.27 7.75
CA GLU D 16 31.42 11.48 8.62
C GLU D 16 31.28 11.80 10.12
N ARG D 17 30.38 11.08 10.79
CA ARG D 17 30.04 11.26 12.21
C ARG D 17 29.31 12.57 12.57
N ALA D 18 29.67 13.66 11.91
CA ALA D 18 29.06 14.97 12.17
C ALA D 18 27.74 15.12 11.44
N CYS D 26 22.22 17.11 8.09
CA CYS D 26 22.48 16.13 7.03
C CYS D 26 21.20 15.41 6.63
N PRO D 27 20.81 15.52 5.35
CA PRO D 27 19.63 14.83 4.84
C PRO D 27 19.80 13.32 4.76
N ALA D 28 21.02 12.86 4.44
CA ALA D 28 21.30 11.44 4.22
C ALA D 28 21.02 10.57 5.45
N CYS D 29 21.37 11.08 6.63
CA CYS D 29 21.16 10.36 7.89
C CYS D 29 20.06 10.98 8.75
N SER D 30 19.52 12.11 8.29
CA SER D 30 18.50 12.87 9.02
C SER D 30 18.98 13.33 10.40
N GLY D 31 20.23 13.81 10.46
CA GLY D 31 20.80 14.36 11.68
C GLY D 31 21.35 13.35 12.68
N LYS D 32 21.27 12.07 12.37
CA LYS D 32 21.83 11.06 13.28
C LYS D 32 23.33 11.25 13.52
N GLY D 33 24.11 11.11 12.45
CA GLY D 33 25.57 11.15 12.55
C GLY D 33 26.19 9.77 12.36
N VAL D 34 25.36 8.75 12.25
CA VAL D 34 25.84 7.38 12.10
C VAL D 34 24.98 6.58 11.11
N ILE D 35 24.17 5.79 9.77
CA ILE D 35 23.13 5.01 9.13
C ILE D 35 23.02 3.71 9.93
N LEU D 36 22.37 3.00 9.65
CA LEU D 36 22.04 1.76 10.35
C LEU D 36 22.07 0.54 9.43
N THR D 37 22.55 -0.57 9.97
CA THR D 37 22.54 -1.86 9.29
C THR D 37 21.15 -2.48 9.42
N ALA D 38 20.89 -3.53 8.64
CA ALA D 38 19.65 -4.31 8.75
C ALA D 38 19.51 -4.82 10.17
N GLN D 39 20.58 -5.42 10.68
CA GLN D 39 20.65 -5.92 12.06
C GLN D 39 20.32 -4.82 13.06
N GLY D 40 20.76 -3.60 12.76
CA GLY D 40 20.45 -2.44 13.58
C GLY D 40 18.96 -2.18 13.69
N TYR D 41 18.29 -2.02 12.56
CA TYR D 41 16.86 -1.80 12.49
C TYR D 41 16.12 -2.92 13.22
N THR D 42 16.45 -4.15 12.86
CA THR D 42 15.89 -5.35 13.49
C THR D 42 15.72 -5.18 15.00
N LEU D 43 16.82 -4.84 15.66
CA LEU D 43 16.83 -4.66 17.10
C LEU D 43 15.98 -3.47 17.49
N LEU D 44 16.24 -2.33 16.85
CA LEU D 44 15.56 -1.07 17.14
C LEU D 44 14.04 -1.16 16.98
N ASP D 45 13.59 -1.70 15.85
CA ASP D 45 12.16 -1.90 15.60
C ASP D 45 11.51 -2.79 16.66
N PHE D 46 12.23 -3.85 17.04
CA PHE D 46 11.79 -4.76 18.08
C PHE D 46 11.62 -4.08 19.43
N ILE D 47 12.63 -3.30 19.83
CA ILE D 47 12.61 -2.60 21.11
C ILE D 47 11.53 -1.52 21.14
N GLN D 48 11.48 -0.71 20.08
CA GLN D 48 10.53 0.38 19.94
C GLN D 48 9.09 -0.12 20.05
N LYS D 49 8.81 -1.24 19.41
CA LYS D 49 7.46 -1.79 19.35
C LYS D 49 6.99 -2.39 20.68
N HIS D 50 7.93 -2.71 21.56
CA HIS D 50 7.64 -3.45 22.80
C HIS D 50 7.94 -2.73 24.09
N LEU D 51 8.73 -1.66 24.03
CA LEU D 51 9.17 -0.96 25.24
C LEU D 51 8.03 -0.35 26.04
N ASN D 52 8.08 -0.52 27.36
CA ASN D 52 7.02 -0.12 28.28
C ASN D 52 5.70 -0.82 27.95
N MET E 1 22.94 -11.93 9.93
CA MET E 1 22.88 -11.22 11.24
C MET E 1 22.44 -12.12 12.41
N VAL E 2 23.30 -12.25 13.42
CA VAL E 2 23.09 -13.20 14.52
C VAL E 2 21.66 -13.18 15.05
N ILE E 3 21.16 -12.00 15.40
CA ILE E 3 19.78 -11.86 15.85
C ILE E 3 18.88 -11.41 14.71
N ALA E 4 17.90 -12.25 14.37
CA ALA E 4 16.94 -11.93 13.34
C ALA E 4 15.60 -11.64 14.00
N THR E 5 14.75 -10.91 13.28
CA THR E 5 13.42 -10.56 13.78
C THR E 5 12.66 -11.84 14.10
N ASP E 6 12.77 -12.82 13.22
CA ASP E 6 12.17 -14.14 13.38
C ASP E 6 12.57 -14.76 14.69
N ASP E 7 13.82 -14.50 15.10
CA ASP E 7 14.38 -15.03 16.33
C ASP E 7 13.86 -14.32 17.57
N LEU E 8 13.19 -13.19 17.39
CA LEU E 8 12.81 -12.32 18.50
C LEU E 8 11.35 -12.39 18.94
N GLU E 9 10.46 -12.69 18.00
CA GLU E 9 9.01 -12.69 18.25
C GLU E 9 8.30 -13.45 17.16
N VAL E 10 7.25 -14.19 17.54
CA VAL E 10 6.51 -14.99 16.58
C VAL E 10 5.13 -14.41 16.31
N ALA E 11 4.69 -14.49 15.06
CA ALA E 11 3.34 -14.09 14.70
C ALA E 11 2.33 -14.99 15.41
N CYS E 12 1.38 -14.36 16.10
CA CYS E 12 0.32 -15.09 16.82
C CYS E 12 -0.50 -15.97 15.89
N PRO E 13 -0.49 -17.29 16.13
CA PRO E 13 -1.17 -18.29 15.28
C PRO E 13 -2.70 -18.18 15.25
N LYS E 14 -3.29 -17.50 16.23
CA LYS E 14 -4.74 -17.33 16.29
C LYS E 14 -5.21 -16.12 15.47
N CYS E 15 -4.63 -14.94 15.73
CA CYS E 15 -5.03 -13.72 15.04
C CYS E 15 -3.97 -13.28 14.03
N GLU E 16 -3.51 -14.22 13.22
CA GLU E 16 -2.37 -14.00 12.33
C GLU E 16 -1.94 -12.52 12.23
N ARG E 17 -1.10 -12.11 13.19
CA ARG E 17 -0.48 -10.76 13.26
C ARG E 17 -1.39 -9.59 13.70
N ALA E 18 -2.71 -9.81 13.69
CA ALA E 18 -3.69 -8.72 13.89
C ALA E 18 -3.79 -8.16 15.32
N GLY E 19 -3.87 -9.03 16.32
CA GLY E 19 -4.02 -8.60 17.71
C GLY E 19 -5.43 -8.70 18.26
N GLY E 23 -14.77 -8.63 16.18
CA GLY E 23 -13.34 -8.39 16.34
C GLY E 23 -13.03 -7.64 17.63
N THR E 24 -12.43 -8.37 18.58
CA THR E 24 -12.02 -7.80 19.87
C THR E 24 -10.59 -8.26 20.18
N PRO E 25 -9.99 -7.77 21.30
CA PRO E 25 -8.61 -8.17 21.64
C PRO E 25 -8.42 -9.68 21.81
N CYS E 26 -7.69 -10.28 20.87
CA CYS E 26 -7.24 -11.68 20.90
C CYS E 26 -6.68 -12.07 22.26
N PRO E 27 -7.23 -13.12 22.88
CA PRO E 27 -6.79 -13.57 24.19
C PRO E 27 -5.41 -14.24 24.16
N ALA E 28 -5.11 -14.95 23.07
CA ALA E 28 -3.87 -15.71 22.93
C ALA E 28 -2.62 -14.85 23.03
N CYS E 29 -2.66 -13.67 22.42
CA CYS E 29 -1.53 -12.73 22.40
C CYS E 29 -1.76 -11.53 23.31
N SER E 30 -2.98 -11.40 23.82
CA SER E 30 -3.43 -10.25 24.61
C SER E 30 -3.36 -8.93 23.83
N GLY E 31 -3.76 -8.98 22.57
CA GLY E 31 -3.84 -7.80 21.72
C GLY E 31 -2.51 -7.34 21.16
N LYS E 32 -1.43 -7.97 21.62
CA LYS E 32 -0.08 -7.61 21.21
C LYS E 32 0.13 -8.00 19.77
N GLY E 33 -0.53 -9.06 19.34
CA GLY E 33 -0.49 -9.49 17.95
C GLY E 33 0.80 -10.19 17.62
N VAL E 34 1.61 -10.43 18.65
CA VAL E 34 2.90 -11.06 18.51
C VAL E 34 3.37 -11.64 19.86
N ILE E 35 3.88 -12.87 19.81
CA ILE E 35 4.42 -13.53 20.99
C ILE E 35 5.96 -13.58 20.90
N LEU E 36 6.58 -13.16 22.00
CA LEU E 36 8.03 -13.00 22.08
C LEU E 36 8.75 -14.30 22.37
N THR E 37 9.95 -14.46 21.81
CA THR E 37 10.80 -15.58 22.18
C THR E 37 11.56 -15.26 23.48
N ALA E 38 12.26 -16.26 24.00
CA ALA E 38 13.05 -16.07 25.19
C ALA E 38 14.13 -15.03 24.94
N GLN E 39 14.82 -15.15 23.81
CA GLN E 39 15.81 -14.13 23.41
C GLN E 39 15.19 -12.73 23.34
N GLY E 40 13.94 -12.64 22.92
CA GLY E 40 13.21 -11.38 22.89
C GLY E 40 13.12 -10.73 24.26
N TYR E 41 12.55 -11.46 25.23
CA TYR E 41 12.45 -11.04 26.63
C TYR E 41 13.81 -10.61 27.19
N THR E 42 14.79 -11.48 27.01
CA THR E 42 16.17 -11.26 27.47
C THR E 42 16.63 -9.83 27.17
N LEU E 43 16.54 -9.43 25.90
CA LEU E 43 16.91 -8.09 25.44
C LEU E 43 16.01 -7.05 26.06
N LEU E 44 14.71 -7.24 25.93
CA LEU E 44 13.74 -6.26 26.43
C LEU E 44 13.82 -6.01 27.94
N ASP E 45 13.87 -7.09 28.72
CA ASP E 45 14.01 -6.96 30.17
C ASP E 45 15.31 -6.23 30.52
N PHE E 46 16.40 -6.54 29.83
CA PHE E 46 17.67 -5.83 30.07
C PHE E 46 17.57 -4.34 29.76
N ILE E 47 16.96 -4.00 28.62
CA ILE E 47 16.81 -2.62 28.18
C ILE E 47 15.90 -1.83 29.13
N GLN E 48 14.75 -2.40 29.46
CA GLN E 48 13.79 -1.73 30.33
C GLN E 48 14.35 -1.48 31.73
N LYS E 49 15.15 -2.43 32.23
CA LYS E 49 15.72 -2.32 33.57
C LYS E 49 16.81 -1.26 33.68
N HIS E 50 17.41 -0.89 32.55
CA HIS E 50 18.58 -0.01 32.59
C HIS E 50 18.45 1.31 31.80
N LEU E 51 17.41 1.43 30.97
CA LEU E 51 17.22 2.64 30.16
C LEU E 51 17.07 3.90 31.02
N ASN E 52 17.89 4.90 30.72
CA ASN E 52 17.97 6.16 31.48
C ASN E 52 18.18 5.94 32.99
N SER F 5 -2.40 27.52 -29.08
CA SER F 5 -1.92 26.56 -28.04
C SER F 5 -1.52 27.27 -26.75
N ASP F 6 -2.04 26.75 -25.64
CA ASP F 6 -1.90 27.36 -24.32
C ASP F 6 -0.47 27.35 -23.82
N PHE F 7 -0.15 28.32 -22.95
CA PHE F 7 1.16 28.41 -22.29
C PHE F 7 1.05 28.89 -20.85
N VAL F 8 2.10 28.61 -20.07
CA VAL F 8 2.18 29.01 -18.68
C VAL F 8 3.38 29.93 -18.50
N VAL F 9 3.19 30.98 -17.71
CA VAL F 9 4.30 31.85 -17.29
C VAL F 9 4.75 31.43 -15.91
N ILE F 10 6.05 31.16 -15.76
CA ILE F 10 6.62 30.84 -14.46
C ILE F 10 7.76 31.79 -14.14
N LYS F 11 7.58 32.58 -13.08
CA LYS F 11 8.64 33.42 -12.53
C LYS F 11 9.09 32.86 -11.18
N ALA F 12 10.36 32.46 -11.12
CA ALA F 12 10.98 31.94 -9.89
C ALA F 12 11.09 33.05 -8.84
N LEU F 13 10.53 32.81 -7.66
CA LEU F 13 10.59 33.81 -6.58
C LEU F 13 11.69 33.48 -5.59
N GLU F 14 12.22 32.26 -5.71
CA GLU F 14 13.38 31.81 -4.93
C GLU F 14 14.36 31.04 -5.82
N ASP F 15 15.52 30.69 -5.26
CA ASP F 15 16.54 29.95 -5.99
C ASP F 15 16.14 28.48 -6.14
N GLY F 16 16.50 27.87 -7.26
CA GLY F 16 16.33 26.43 -7.47
C GLY F 16 14.91 25.94 -7.75
N VAL F 17 14.09 26.83 -8.31
CA VAL F 17 12.72 26.48 -8.71
C VAL F 17 12.76 25.51 -9.89
N ASN F 18 11.94 24.45 -9.82
CA ASN F 18 11.89 23.45 -10.88
C ASN F 18 10.63 23.46 -11.70
N VAL F 19 10.79 23.46 -13.02
CA VAL F 19 9.68 23.26 -13.93
C VAL F 19 9.92 21.91 -14.59
N ILE F 20 9.07 20.94 -14.26
CA ILE F 20 9.20 19.61 -14.84
C ILE F 20 8.08 19.35 -15.84
N GLY F 21 8.46 18.86 -17.01
CA GLY F 21 7.52 18.56 -18.08
C GLY F 21 7.16 17.09 -18.15
N LEU F 22 5.87 16.81 -18.06
CA LEU F 22 5.35 15.45 -18.14
C LEU F 22 4.93 15.09 -19.57
N THR F 23 5.12 13.83 -19.94
CA THR F 23 4.96 13.37 -21.32
C THR F 23 3.49 13.19 -21.69
N ARG F 24 3.11 13.69 -22.87
CA ARG F 24 1.83 13.37 -23.49
C ARG F 24 1.88 11.93 -23.95
N GLY F 25 0.83 11.17 -23.65
CA GLY F 25 0.71 9.78 -24.09
C GLY F 25 0.21 8.83 -23.03
N ALA F 26 0.12 7.56 -23.38
CA ALA F 26 -0.43 6.51 -22.51
C ALA F 26 0.29 6.40 -21.16
N ASP F 27 1.61 6.61 -21.20
CA ASP F 27 2.44 6.55 -20.00
C ASP F 27 3.07 7.92 -19.73
N THR F 28 3.37 8.21 -18.47
CA THR F 28 3.76 9.55 -18.07
C THR F 28 5.06 9.56 -17.29
N ARG F 29 6.05 10.25 -17.82
CA ARG F 29 7.35 10.38 -17.16
C ARG F 29 7.81 11.82 -17.14
N PHE F 30 8.77 12.12 -16.28
CA PHE F 30 9.46 13.39 -16.30
C PHE F 30 10.44 13.37 -17.47
N HIS F 31 10.10 14.01 -18.58
CA HIS F 31 10.96 14.02 -19.76
C HIS F 31 11.99 15.13 -19.73
N HIS F 32 11.64 16.24 -19.09
CA HIS F 32 12.58 17.33 -18.89
C HIS F 32 12.24 18.21 -17.69
N SER F 33 13.28 18.59 -16.94
CA SER F 33 13.15 19.54 -15.84
C SER F 33 14.03 20.76 -16.04
N GLU F 34 13.40 21.94 -16.05
CA GLU F 34 14.10 23.20 -16.20
C GLU F 34 14.38 23.82 -14.83
N LYS F 35 15.50 24.52 -14.71
CA LYS F 35 15.96 25.14 -13.46
C LYS F 35 15.77 26.66 -13.50
N LEU F 36 15.14 27.21 -12.46
CA LEU F 36 14.92 28.66 -12.37
C LEU F 36 15.44 29.23 -11.05
N ASP F 37 16.49 30.04 -11.14
CA ASP F 37 17.03 30.75 -9.96
C ASP F 37 16.33 32.10 -9.81
N LYS F 38 16.16 32.52 -8.56
CA LYS F 38 15.34 33.69 -8.20
C LYS F 38 15.30 34.79 -9.28
N GLY F 39 14.10 35.09 -9.76
CA GLY F 39 13.90 36.18 -10.71
C GLY F 39 13.98 35.77 -12.16
N GLU F 40 14.22 34.49 -12.43
CA GLU F 40 14.24 33.98 -13.81
C GLU F 40 12.83 33.60 -14.26
N VAL F 41 12.53 33.90 -15.52
CA VAL F 41 11.22 33.63 -16.11
C VAL F 41 11.32 32.52 -17.16
N LEU F 42 10.38 31.58 -17.11
CA LEU F 42 10.20 30.61 -18.17
C LEU F 42 8.77 30.71 -18.70
N ILE F 43 8.64 30.92 -20.01
CA ILE F 43 7.33 30.86 -20.66
C ILE F 43 7.28 29.55 -21.44
N ALA F 44 6.33 28.69 -21.08
CA ALA F 44 6.30 27.33 -21.61
C ALA F 44 4.93 26.97 -22.19
N GLN F 45 4.92 26.49 -23.43
CA GLN F 45 3.71 26.01 -24.08
C GLN F 45 3.48 24.54 -23.74
N PHE F 46 2.21 24.15 -23.63
CA PHE F 46 1.84 22.73 -23.65
C PHE F 46 1.97 22.28 -25.09
N THR F 47 2.64 21.16 -25.29
CA THR F 47 3.07 20.79 -26.65
C THR F 47 2.64 19.39 -27.03
N GLU F 48 2.96 19.01 -28.27
CA GLU F 48 2.74 17.65 -28.75
C GLU F 48 3.32 16.66 -27.77
N HIS F 49 4.51 16.96 -27.26
CA HIS F 49 5.21 16.04 -26.35
C HIS F 49 4.96 16.30 -24.85
N THR F 50 4.50 17.51 -24.51
CA THR F 50 4.30 17.93 -23.12
C THR F 50 2.85 18.32 -22.81
N SER F 51 2.21 17.60 -21.90
CA SER F 51 0.80 17.84 -21.53
C SER F 51 0.56 18.06 -20.03
N ALA F 52 1.64 18.14 -19.26
CA ALA F 52 1.57 18.52 -17.85
C ALA F 52 2.86 19.19 -17.37
N ILE F 53 2.70 20.36 -16.75
CA ILE F 53 3.82 21.10 -16.22
C ILE F 53 3.73 21.05 -14.72
N LYS F 54 4.84 20.71 -14.08
CA LYS F 54 4.90 20.65 -12.62
C LYS F 54 5.89 21.69 -12.12
N VAL F 55 5.45 22.51 -11.17
CA VAL F 55 6.30 23.57 -10.60
C VAL F 55 6.66 23.27 -9.13
N ARG F 56 7.95 23.11 -8.88
CA ARG F 56 8.49 22.86 -7.55
C ARG F 56 9.23 24.09 -7.03
N GLY F 57 8.87 24.51 -5.81
CA GLY F 57 9.54 25.64 -5.17
C GLY F 57 8.80 26.95 -5.38
N LYS F 58 8.98 27.90 -4.46
CA LYS F 58 8.25 29.16 -4.51
C LYS F 58 8.39 29.90 -5.85
N ALA F 59 7.26 30.09 -6.53
CA ALA F 59 7.23 30.74 -7.83
C ALA F 59 5.89 31.42 -8.13
N TYR F 60 5.93 32.42 -9.00
CA TYR F 60 4.76 33.15 -9.45
C TYR F 60 4.32 32.55 -10.79
N ILE F 61 3.05 32.18 -10.89
CA ILE F 61 2.54 31.49 -12.08
C ILE F 61 1.34 32.21 -12.72
N GLN F 62 1.43 32.44 -14.02
CA GLN F 62 0.33 33.02 -14.78
C GLN F 62 -0.14 32.06 -15.86
N THR F 63 -1.45 31.80 -15.86
CA THR F 63 -2.10 30.94 -16.85
C THR F 63 -3.29 31.65 -17.47
N ARG F 64 -3.95 30.97 -18.40
CA ARG F 64 -5.24 31.38 -18.97
C ARG F 64 -6.35 31.55 -17.90
N HIS F 65 -6.22 30.87 -16.76
CA HIS F 65 -7.24 30.94 -15.73
C HIS F 65 -6.97 32.10 -14.76
N GLY F 66 -5.82 32.07 -14.09
CA GLY F 66 -5.43 33.14 -13.17
C GLY F 66 -4.01 33.08 -12.66
N VAL F 67 -3.88 32.99 -11.34
CA VAL F 67 -2.59 33.04 -10.64
C VAL F 67 -2.68 32.48 -9.22
N SER G 5 -8.29 22.71 -26.03
CA SER G 5 -7.64 21.84 -25.01
C SER G 5 -7.67 22.50 -23.63
N ASP G 6 -8.52 21.98 -22.75
CA ASP G 6 -8.65 22.52 -21.39
C ASP G 6 -7.65 21.90 -20.40
N PHE G 7 -7.42 22.61 -19.31
CA PHE G 7 -6.46 22.21 -18.28
C PHE G 7 -6.91 22.64 -16.90
N VAL G 8 -6.38 21.96 -15.89
CA VAL G 8 -6.68 22.26 -14.49
C VAL G 8 -5.38 22.65 -13.78
N VAL G 9 -5.46 23.69 -12.95
CA VAL G 9 -4.36 24.07 -12.08
C VAL G 9 -4.59 23.47 -10.69
N ILE G 10 -3.62 22.71 -10.19
CA ILE G 10 -3.70 22.18 -8.83
C ILE G 10 -2.50 22.61 -8.01
N LYS G 11 -2.75 23.37 -6.96
CA LYS G 11 -1.75 23.74 -5.98
C LYS G 11 -2.02 23.01 -4.66
N ALA G 12 -1.09 22.14 -4.25
CA ALA G 12 -1.16 21.42 -2.98
C ALA G 12 -1.07 22.39 -1.81
N LEU G 13 -2.05 22.35 -0.91
CA LEU G 13 -2.06 23.21 0.27
C LEU G 13 -1.55 22.46 1.51
N GLU G 14 -1.43 21.14 1.37
CA GLU G 14 -0.87 20.29 2.42
C GLU G 14 0.03 19.24 1.76
N ASP G 15 0.71 18.45 2.58
CA ASP G 15 1.59 17.42 2.04
C ASP G 15 0.82 16.16 1.61
N GLY G 16 1.34 15.50 0.58
CA GLY G 16 0.79 14.23 0.11
C GLY G 16 -0.50 14.33 -0.71
N VAL G 17 -0.71 15.47 -1.33
CA VAL G 17 -1.90 15.66 -2.17
C VAL G 17 -1.76 14.80 -3.43
N ASN G 18 -2.84 14.12 -3.80
CA ASN G 18 -2.78 13.30 -4.99
C ASN G 18 -3.64 13.72 -6.15
N VAL G 19 -3.03 13.71 -7.33
CA VAL G 19 -3.70 13.99 -8.58
C VAL G 19 -3.74 12.67 -9.34
N ILE G 20 -4.94 12.10 -9.48
CA ILE G 20 -5.11 10.81 -10.14
C ILE G 20 -5.76 11.03 -11.50
N GLY G 21 -5.17 10.45 -12.54
CA GLY G 21 -5.69 10.58 -13.89
C GLY G 21 -6.47 9.35 -14.34
N LEU G 22 -7.73 9.55 -14.71
CA LEU G 22 -8.59 8.45 -15.17
C LEU G 22 -8.57 8.35 -16.69
N THR G 23 -8.70 7.13 -17.20
CA THR G 23 -8.51 6.87 -18.62
C THR G 23 -9.72 7.21 -19.47
N ARG G 24 -9.46 7.85 -20.61
CA ARG G 24 -10.46 8.07 -21.64
C ARG G 24 -10.73 6.73 -22.33
N GLY G 25 -12.00 6.36 -22.48
CA GLY G 25 -12.38 5.12 -23.13
C GLY G 25 -13.53 4.40 -22.44
N ALA G 26 -13.94 3.27 -23.02
CA ALA G 26 -15.08 2.49 -22.56
C ALA G 26 -14.98 2.07 -21.09
N ASP G 27 -13.76 1.79 -20.66
CA ASP G 27 -13.46 1.33 -19.30
C ASP G 27 -12.57 2.37 -18.62
N THR G 28 -12.68 2.48 -17.30
CA THR G 28 -12.01 3.57 -16.60
C THR G 28 -11.15 3.08 -15.45
N ARG G 29 -9.86 3.39 -15.52
CA ARG G 29 -8.91 2.99 -14.47
C ARG G 29 -8.05 4.18 -14.05
N PHE G 30 -7.44 4.09 -12.87
CA PHE G 30 -6.41 5.04 -12.51
C PHE G 30 -5.11 4.66 -13.23
N HIS G 31 -4.78 5.40 -14.27
CA HIS G 31 -3.59 5.06 -15.06
C HIS G 31 -2.34 5.79 -14.57
N HIS G 32 -2.52 6.91 -13.88
CA HIS G 32 -1.39 7.62 -13.30
C HIS G 32 -1.83 8.48 -12.12
N SER G 33 -1.07 8.42 -11.04
CA SER G 33 -1.28 9.34 -9.93
C SER G 33 -0.02 10.13 -9.63
N GLU G 34 -0.15 11.46 -9.61
CA GLU G 34 0.98 12.31 -9.28
C GLU G 34 0.88 12.80 -7.84
N LYS G 35 2.04 13.00 -7.22
CA LYS G 35 2.08 13.43 -5.82
C LYS G 35 2.53 14.88 -5.67
N LEU G 36 1.81 15.62 -4.84
CA LEU G 36 2.08 17.03 -4.57
C LEU G 36 2.24 17.30 -3.07
N ASP G 37 3.47 17.67 -2.68
CA ASP G 37 3.77 18.07 -1.31
C ASP G 37 3.55 19.58 -1.17
N LYS G 38 3.09 20.01 0.01
CA LYS G 38 2.64 21.39 0.24
C LYS G 38 3.36 22.43 -0.60
N GLY G 39 2.59 23.18 -1.38
CA GLY G 39 3.12 24.30 -2.14
C GLY G 39 3.56 23.95 -3.55
N GLU G 40 3.45 22.68 -3.91
CA GLU G 40 3.79 22.24 -5.26
C GLU G 40 2.61 22.40 -6.22
N VAL G 41 2.89 22.87 -7.43
CA VAL G 41 1.87 23.12 -8.45
C VAL G 41 1.95 22.09 -9.58
N LEU G 42 0.79 21.59 -9.99
CA LEU G 42 0.70 20.79 -11.20
C LEU G 42 -0.34 21.40 -12.13
N ILE G 43 0.08 21.68 -13.36
CA ILE G 43 -0.81 22.14 -14.40
C ILE G 43 -1.02 20.98 -15.37
N ALA G 44 -2.26 20.51 -15.46
CA ALA G 44 -2.57 19.28 -16.17
C ALA G 44 -3.67 19.48 -17.21
N GLN G 45 -3.40 19.07 -18.45
CA GLN G 45 -4.40 19.11 -19.50
C GLN G 45 -5.19 17.81 -19.55
N PHE G 46 -6.48 17.91 -19.90
CA PHE G 46 -7.26 16.73 -20.27
C PHE G 46 -6.77 16.32 -21.64
N THR G 47 -6.49 15.04 -21.80
CA THR G 47 -5.78 14.62 -23.00
C THR G 47 -6.46 13.47 -23.71
N GLU G 48 -5.87 13.05 -24.82
CA GLU G 48 -6.34 11.88 -25.56
C GLU G 48 -6.51 10.68 -24.63
N HIS G 49 -5.57 10.48 -23.72
CA HIS G 49 -5.64 9.34 -22.82
C HIS G 49 -6.27 9.65 -21.45
N THR G 50 -6.38 10.92 -21.10
CA THR G 50 -6.96 11.28 -19.79
C THR G 50 -8.17 12.23 -19.88
N SER G 51 -9.30 11.76 -19.35
CA SER G 51 -10.58 12.47 -19.43
C SER G 51 -11.23 12.78 -18.08
N ALA G 52 -10.57 12.38 -16.98
CA ALA G 52 -11.00 12.73 -15.62
C ALA G 52 -9.82 12.85 -14.65
N ILE G 53 -9.78 13.97 -13.94
CA ILE G 53 -8.75 14.22 -12.96
C ILE G 53 -9.42 14.14 -11.59
N LYS G 54 -8.78 13.40 -10.69
CA LYS G 54 -9.27 13.27 -9.32
C LYS G 54 -8.24 13.85 -8.37
N VAL G 55 -8.68 14.76 -7.50
CA VAL G 55 -7.80 15.42 -6.54
C VAL G 55 -8.10 14.94 -5.10
N ARG G 56 -7.09 14.34 -4.46
CA ARG G 56 -7.23 13.89 -3.09
C ARG G 56 -6.34 14.70 -2.16
N GLY G 57 -6.93 15.18 -1.07
CA GLY G 57 -6.21 15.95 -0.06
C GLY G 57 -6.34 17.44 -0.29
N LYS G 58 -6.20 18.23 0.78
CA LYS G 58 -6.38 19.68 0.72
C LYS G 58 -5.53 20.33 -0.38
N ALA G 59 -6.22 20.97 -1.33
CA ALA G 59 -5.55 21.63 -2.45
C ALA G 59 -6.40 22.74 -3.08
N TYR G 60 -5.71 23.68 -3.70
CA TYR G 60 -6.29 24.83 -4.39
C TYR G 60 -6.43 24.49 -5.86
N ILE G 61 -7.63 24.64 -6.42
CA ILE G 61 -7.90 24.21 -7.80
C ILE G 61 -8.45 25.35 -8.67
N GLN G 62 -7.82 25.57 -9.83
CA GLN G 62 -8.29 26.54 -10.82
C GLN G 62 -8.66 25.85 -12.13
N THR G 63 -9.89 26.09 -12.58
CA THR G 63 -10.38 25.54 -13.85
C THR G 63 -10.95 26.66 -14.72
N ARG G 64 -11.36 26.33 -15.94
CA ARG G 64 -12.11 27.27 -16.75
C ARG G 64 -13.40 27.65 -16.01
N HIS G 65 -14.03 26.66 -15.36
CA HIS G 65 -15.26 26.87 -14.60
C HIS G 65 -15.09 27.70 -13.33
N GLY G 66 -13.90 27.67 -12.75
CA GLY G 66 -13.59 28.43 -11.53
C GLY G 66 -12.87 27.69 -10.41
N VAL G 67 -12.90 28.29 -9.22
CA VAL G 67 -12.19 27.79 -8.04
C VAL G 67 -13.16 27.13 -7.06
N MET H 1 11.39 12.97 -7.41
CA MET H 1 10.79 14.14 -8.12
C MET H 1 11.86 14.98 -8.83
N VAL H 2 13.12 14.82 -8.39
CA VAL H 2 14.21 15.69 -8.83
C VAL H 2 15.01 15.07 -9.98
N ILE H 3 14.46 14.05 -10.62
CA ILE H 3 15.22 13.31 -11.65
C ILE H 3 14.42 12.92 -12.92
N ALA H 4 14.66 13.68 -13.98
CA ALA H 4 13.98 13.51 -15.25
C ALA H 4 14.72 12.53 -16.18
N THR H 5 14.17 12.32 -17.37
CA THR H 5 14.79 11.48 -18.39
C THR H 5 16.03 12.18 -18.94
N ASP H 6 15.92 13.50 -19.13
CA ASP H 6 17.03 14.32 -19.61
C ASP H 6 18.25 14.15 -18.70
N ASP H 7 17.98 13.93 -17.42
CA ASP H 7 19.02 13.72 -16.40
C ASP H 7 19.66 12.34 -16.46
N LEU H 8 19.02 11.39 -17.16
CA LEU H 8 19.54 10.02 -17.29
C LEU H 8 20.10 9.71 -18.69
N GLU H 9 19.82 10.60 -19.65
CA GLU H 9 20.24 10.43 -21.04
C GLU H 9 20.61 11.74 -21.72
N VAL H 10 21.06 11.17 -22.89
CA VAL H 10 21.37 12.25 -23.83
C VAL H 10 21.46 11.67 -25.22
N ALA H 11 20.72 12.27 -26.16
CA ALA H 11 20.73 11.82 -27.53
C ALA H 11 22.14 11.88 -28.07
N CYS H 12 22.52 10.95 -28.64
CA CYS H 12 23.82 10.90 -29.29
C CYS H 12 23.93 11.99 -30.36
N PRO H 13 24.84 12.96 -30.14
CA PRO H 13 25.10 14.04 -31.12
C PRO H 13 25.56 13.56 -32.49
N LYS H 14 25.98 12.29 -32.58
CA LYS H 14 26.42 11.70 -33.84
C LYS H 14 25.25 11.15 -34.65
N CYS H 15 24.44 10.28 -34.04
CA CYS H 15 23.30 9.69 -34.74
C CYS H 15 21.94 10.22 -34.23
N GLU H 16 21.82 11.55 -34.21
CA GLU H 16 20.60 12.24 -33.74
C GLU H 16 20.15 11.78 -32.36
N CYS H 26 25.98 2.89 -34.64
CA CYS H 26 26.71 4.06 -34.15
C CYS H 26 27.69 3.68 -33.04
N PRO H 27 29.00 3.92 -33.26
CA PRO H 27 30.04 3.63 -32.26
C PRO H 27 29.97 4.55 -31.04
N ALA H 28 29.58 5.80 -31.24
CA ALA H 28 29.56 6.81 -30.19
C ALA H 28 28.62 6.47 -29.03
N CYS H 29 27.46 5.92 -29.35
CA CYS H 29 26.49 5.52 -28.31
C CYS H 29 26.33 4.00 -28.19
N SER H 30 27.05 3.27 -29.06
CA SER H 30 26.99 1.80 -29.16
C SER H 30 25.57 1.28 -29.44
N GLY H 31 24.89 1.92 -30.38
CA GLY H 31 23.55 1.52 -30.82
C GLY H 31 22.43 1.94 -29.88
N LYS H 32 22.92 2.45 -29.03
CA LYS H 32 22.02 2.89 -27.98
C LYS H 32 21.29 4.15 -28.37
N GLY H 33 21.90 4.94 -29.26
CA GLY H 33 21.30 6.18 -29.72
C GLY H 33 21.21 7.23 -28.63
N VAL H 34 21.91 8.05 -27.60
CA VAL H 34 21.45 7.29 -26.44
C VAL H 34 22.54 7.19 -25.38
N ILE H 35 23.46 8.16 -25.36
CA ILE H 35 24.52 8.25 -24.34
C ILE H 35 23.91 8.36 -22.94
N LEU H 36 24.23 7.41 -22.07
CA LEU H 36 23.80 7.49 -20.68
C LEU H 36 24.67 8.48 -19.91
N THR H 37 24.03 9.21 -18.99
CA THR H 37 24.73 10.15 -18.11
C THR H 37 25.42 9.37 -16.98
N ALA H 38 26.29 10.06 -16.24
CA ALA H 38 26.88 9.49 -15.03
C ALA H 38 25.78 9.05 -14.05
N GLN H 39 24.83 9.96 -13.81
CA GLN H 39 23.64 9.71 -13.01
C GLN H 39 22.91 8.44 -13.44
N GLY H 40 22.85 8.25 -14.76
CA GLY H 40 22.24 7.07 -15.37
C GLY H 40 22.89 5.77 -14.94
N TYR H 41 24.20 5.68 -15.15
CA TYR H 41 24.94 4.48 -14.77
C TYR H 41 24.90 4.24 -13.26
N THR H 42 25.06 5.31 -12.48
CA THR H 42 24.93 5.27 -11.02
C THR H 42 23.74 4.40 -10.60
N LEU H 43 22.55 4.75 -11.10
CA LEU H 43 21.32 4.01 -10.79
C LEU H 43 21.36 2.60 -11.33
N LEU H 44 21.70 2.51 -12.62
CA LEU H 44 21.77 1.25 -13.36
C LEU H 44 22.70 0.21 -12.72
N ASP H 45 23.94 0.64 -12.44
CA ASP H 45 24.93 -0.20 -11.75
C ASP H 45 24.41 -0.67 -10.41
N PHE H 46 23.79 0.24 -9.66
CA PHE H 46 23.24 -0.07 -8.35
C PHE H 46 22.15 -1.13 -8.42
N ILE H 47 21.23 -0.95 -9.36
CA ILE H 47 20.11 -1.89 -9.51
C ILE H 47 20.56 -3.25 -10.03
N GLN H 48 21.43 -3.26 -11.04
CA GLN H 48 21.94 -4.53 -11.59
C GLN H 48 22.70 -5.35 -10.56
N LYS H 49 23.47 -4.67 -9.69
CA LYS H 49 24.27 -5.34 -8.68
C LYS H 49 23.44 -5.96 -7.55
N HIS H 50 22.22 -5.46 -7.36
CA HIS H 50 21.39 -5.82 -6.20
C HIS H 50 20.08 -6.55 -6.52
N LEU H 51 19.64 -6.45 -7.78
CA LEU H 51 18.37 -7.03 -8.23
C LEU H 51 18.26 -8.54 -7.96
N THR I 5 26.01 6.92 -6.04
CA THR I 5 26.12 5.51 -5.57
C THR I 5 26.40 5.47 -4.06
N ASP I 6 27.24 6.40 -3.59
CA ASP I 6 27.54 6.59 -2.17
C ASP I 6 26.27 6.81 -1.36
N ASP I 7 25.29 7.47 -1.97
CA ASP I 7 24.00 7.77 -1.33
C ASP I 7 23.09 6.53 -1.27
N LEU I 8 23.57 5.44 -1.86
CA LEU I 8 22.89 4.15 -1.80
C LEU I 8 23.77 3.14 -1.05
N GLU I 9 24.88 2.77 -1.68
CA GLU I 9 25.79 1.76 -1.15
C GLU I 9 26.82 2.33 -0.17
N VAL I 10 27.06 1.60 0.91
CA VAL I 10 28.17 1.87 1.83
C VAL I 10 29.03 0.60 2.01
N ALA I 11 30.32 0.79 2.31
CA ALA I 11 31.20 -0.36 2.57
C ALA I 11 30.76 -1.05 3.83
N CYS I 12 30.47 -2.35 3.72
CA CYS I 12 30.32 -3.16 4.92
C CYS I 12 31.57 -2.97 5.76
N PRO I 13 31.38 -2.44 6.99
CA PRO I 13 32.44 -2.09 7.94
C PRO I 13 33.21 -3.32 8.45
N LYS I 14 32.60 -4.49 8.29
CA LYS I 14 33.20 -5.76 8.72
C LYS I 14 34.14 -6.32 7.67
N CYS I 15 33.63 -6.50 6.44
CA CYS I 15 34.42 -7.05 5.34
C CYS I 15 34.76 -5.97 4.30
N GLU I 16 35.04 -4.76 4.80
CA GLU I 16 35.44 -3.58 4.02
C GLU I 16 35.07 -3.61 2.53
N CYS I 26 30.56 -13.17 4.72
CA CYS I 26 30.32 -12.21 5.80
C CYS I 26 28.84 -12.19 6.19
N PRO I 27 28.56 -12.39 7.50
CA PRO I 27 27.19 -12.38 8.01
C PRO I 27 26.58 -10.99 8.04
N ALA I 28 27.41 -9.97 8.28
CA ALA I 28 26.95 -8.57 8.44
C ALA I 28 26.28 -8.02 7.19
N CYS I 29 26.83 -8.35 6.03
CA CYS I 29 26.28 -7.88 4.74
C CYS I 29 25.62 -9.01 3.94
N SER I 30 25.70 -10.23 4.45
CA SER I 30 25.21 -11.44 3.78
C SER I 30 25.85 -11.67 2.40
N GLY I 31 27.16 -11.45 2.33
CA GLY I 31 27.93 -11.68 1.11
C GLY I 31 27.87 -10.62 0.01
N LYS I 32 27.04 -9.58 0.18
CA LYS I 32 26.96 -8.55 -0.86
C LYS I 32 28.24 -7.70 -1.04
N GLY I 33 29.08 -7.66 -0.01
CA GLY I 33 30.30 -6.84 0.00
C GLY I 33 30.05 -5.37 0.33
N VAL I 34 28.78 -4.98 0.26
CA VAL I 34 28.32 -3.60 0.48
C VAL I 34 26.89 -3.63 1.08
N ILE I 35 26.65 -2.87 2.15
CA ILE I 35 25.32 -2.81 2.80
C ILE I 35 24.35 -1.97 1.97
N LEU I 36 23.49 -1.17 2.62
CA LEU I 36 22.57 -0.27 1.90
C LEU I 36 21.98 0.83 2.77
N THR I 37 21.87 2.04 2.21
CA THR I 37 21.16 3.12 2.91
C THR I 37 19.66 3.00 2.67
N ALA I 38 18.89 3.80 3.40
CA ALA I 38 17.44 3.86 3.24
C ALA I 38 17.07 4.18 1.78
N GLN I 39 17.71 5.23 1.26
CA GLN I 39 17.55 5.63 -0.15
C GLN I 39 17.86 4.46 -1.11
N GLY I 40 18.86 3.65 -0.75
CA GLY I 40 19.18 2.45 -1.51
C GLY I 40 18.03 1.48 -1.63
N TYR I 41 17.50 1.04 -0.49
CA TYR I 41 16.36 0.14 -0.44
C TYR I 41 15.17 0.70 -1.20
N THR I 42 14.83 1.96 -0.90
CA THR I 42 13.75 2.68 -1.56
C THR I 42 13.74 2.43 -3.07
N LEU I 43 14.86 2.68 -3.74
CA LEU I 43 14.96 2.43 -5.17
C LEU I 43 14.86 0.95 -5.51
N LEU I 44 15.64 0.14 -4.80
CA LEU I 44 15.70 -1.30 -5.05
C LEU I 44 14.34 -1.99 -4.89
N ASP I 45 13.65 -1.69 -3.79
CA ASP I 45 12.29 -2.23 -3.56
C ASP I 45 11.33 -1.81 -4.66
N PHE I 46 11.46 -0.55 -5.10
CA PHE I 46 10.64 0.00 -6.17
C PHE I 46 10.85 -0.75 -7.47
N ILE I 47 12.11 -0.95 -7.83
CA ILE I 47 12.41 -1.59 -9.11
C ILE I 47 12.09 -3.09 -9.09
N GLN I 48 12.41 -3.77 -7.98
CA GLN I 48 12.13 -5.20 -7.85
C GLN I 48 10.63 -5.51 -7.93
N LYS I 49 9.81 -4.65 -7.33
CA LYS I 49 8.37 -4.87 -7.31
C LYS I 49 7.70 -4.61 -8.65
N HIS I 50 8.36 -3.87 -9.54
CA HIS I 50 7.75 -3.45 -10.80
C HIS I 50 8.42 -3.93 -12.09
N LEU I 51 9.64 -4.45 -11.99
CA LEU I 51 10.42 -4.88 -13.16
C LEU I 51 9.81 -6.07 -13.91
N ASN I 52 9.95 -6.05 -15.24
CA ASN I 52 9.35 -7.05 -16.14
C ASN I 52 7.83 -7.08 -16.05
N MET J 1 15.71 11.48 2.48
CA MET J 1 16.23 10.73 1.29
C MET J 1 15.76 11.34 -0.04
N VAL J 2 16.72 11.61 -0.92
CA VAL J 2 16.49 12.37 -2.16
C VAL J 2 15.13 12.02 -2.80
N ILE J 3 14.99 10.80 -3.31
CA ILE J 3 13.69 10.27 -3.70
C ILE J 3 13.16 9.42 -2.56
N ALA J 4 11.86 9.52 -2.30
CA ALA J 4 11.21 8.76 -1.23
C ALA J 4 10.53 7.51 -1.77
N THR J 5 9.69 6.90 -0.94
CA THR J 5 8.75 5.88 -1.39
C THR J 5 7.49 6.53 -1.89
N ASP J 6 7.04 7.57 -1.20
CA ASP J 6 5.87 8.33 -1.58
C ASP J 6 5.99 8.87 -3.00
N ASP J 7 7.22 9.18 -3.41
CA ASP J 7 7.51 9.68 -4.75
C ASP J 7 7.38 8.57 -5.77
N LEU J 8 7.55 7.82 -5.48
CA LEU J 8 7.46 6.81 -6.51
C LEU J 8 6.08 6.14 -6.64
N GLU J 9 5.53 5.66 -5.53
CA GLU J 9 4.24 4.99 -5.55
C GLU J 9 3.16 5.69 -4.74
N VAL J 10 2.14 5.45 -4.48
CA VAL J 10 0.78 5.87 -4.15
C VAL J 10 -0.09 4.65 -3.82
N ALA J 11 -0.77 4.70 -2.67
CA ALA J 11 -1.69 3.65 -2.29
C ALA J 11 -3.00 3.82 -3.07
N CYS J 12 -3.48 2.73 -3.66
CA CYS J 12 -4.72 2.73 -4.47
C CYS J 12 -5.94 3.22 -3.67
N PRO J 13 -6.64 4.28 -4.16
CA PRO J 13 -7.73 4.86 -3.38
C PRO J 13 -8.99 4.00 -3.35
N LYS J 14 -9.11 3.09 -4.30
CA LYS J 14 -10.28 2.20 -4.38
C LYS J 14 -10.10 0.93 -3.55
N CYS J 15 -8.99 0.22 -3.75
CA CYS J 15 -8.72 -1.01 -2.98
C CYS J 15 -7.59 -0.80 -1.97
N CYS J 26 -9.20 -5.46 -8.78
CA CYS J 26 -9.49 -4.04 -8.83
C CYS J 26 -9.18 -3.47 -10.21
N PRO J 27 -10.18 -2.87 -10.87
CA PRO J 27 -10.00 -2.28 -12.19
C PRO J 27 -9.16 -1.00 -12.16
N ALA J 28 -9.29 -0.23 -11.09
CA ALA J 28 -8.63 1.07 -10.95
C ALA J 28 -7.10 0.98 -11.01
N CYS J 29 -6.53 -0.04 -10.39
CA CYS J 29 -5.09 -0.25 -10.37
C CYS J 29 -4.64 -1.45 -11.21
N SER J 30 -5.63 -2.17 -11.74
CA SER J 30 -5.41 -3.42 -12.50
C SER J 30 -4.69 -4.50 -11.69
N GLY J 31 -5.11 -4.66 -10.43
CA GLY J 31 -4.55 -5.67 -9.53
C GLY J 31 -3.20 -5.32 -8.92
N LYS J 32 -2.64 -4.18 -9.31
CA LYS J 32 -1.33 -3.75 -8.84
C LYS J 32 -1.35 -3.24 -7.40
N GLY J 33 -2.43 -2.56 -7.02
CA GLY J 33 -2.56 -2.00 -5.67
C GLY J 33 -1.77 -0.73 -5.46
N VAL J 34 -0.78 -0.51 -6.32
CA VAL J 34 0.00 0.72 -6.29
C VAL J 34 0.06 1.34 -7.68
N ILE J 35 -0.40 2.59 -7.75
CA ILE J 35 -0.32 3.39 -8.97
C ILE J 35 0.88 4.35 -8.82
N LEU J 36 1.65 4.51 -9.90
CA LEU J 36 2.96 5.14 -9.87
C LEU J 36 2.93 6.61 -10.29
N THR J 37 3.84 7.39 -9.74
CA THR J 37 3.98 8.80 -10.16
C THR J 37 4.81 8.88 -11.44
N ALA J 38 4.86 10.08 -12.03
CA ALA J 38 5.67 10.33 -13.21
C ALA J 38 7.15 10.02 -12.92
N GLN J 39 7.63 10.51 -11.78
CA GLN J 39 8.96 10.19 -11.24
C GLN J 39 9.23 8.68 -11.18
N GLY J 40 8.20 7.93 -10.77
CA GLY J 40 8.25 6.48 -10.71
C GLY J 40 8.55 5.84 -12.06
N TYR J 41 7.71 6.13 -13.05
CA TYR J 41 7.89 5.61 -14.39
C TYR J 41 9.25 6.01 -14.97
N THR J 42 9.60 7.29 -14.84
CA THR J 42 10.90 7.81 -15.28
C THR J 42 12.04 6.84 -14.95
N LEU J 43 12.17 6.50 -13.67
CA LEU J 43 13.20 5.57 -13.19
C LEU J 43 12.99 4.19 -13.77
N LEU J 44 11.76 3.68 -13.64
CA LEU J 44 11.43 2.32 -14.08
C LEU J 44 11.68 2.10 -15.58
N ASP J 45 11.17 3.00 -16.42
CA ASP J 45 11.40 2.94 -17.86
C ASP J 45 12.89 2.98 -18.17
N PHE J 46 13.63 3.84 -17.48
CA PHE J 46 15.08 3.92 -17.71
C PHE J 46 15.81 2.62 -17.33
N ILE J 47 15.44 2.03 -16.19
CA ILE J 47 16.05 0.79 -15.72
C ILE J 47 15.71 -0.38 -16.64
N GLN J 48 14.42 -0.51 -16.98
CA GLN J 48 13.92 -1.58 -17.84
C GLN J 48 14.59 -1.56 -19.21
N LYS J 49 14.78 -0.36 -19.74
CA LYS J 49 15.35 -0.18 -21.09
C LYS J 49 16.84 -0.52 -21.16
N HIS J 50 17.54 -0.49 -20.03
CA HIS J 50 18.99 -0.64 -20.03
C HIS J 50 19.55 -1.80 -19.19
N LEU J 51 18.72 -2.42 -18.37
CA LEU J 51 19.14 -3.54 -17.52
C LEU J 51 19.71 -4.73 -18.30
N SER K 5 -16.25 21.12 -26.13
CA SER K 5 -15.73 20.19 -25.08
C SER K 5 -16.08 20.67 -23.66
N ASP K 6 -16.99 19.98 -23.00
CA ASP K 6 -17.45 20.39 -21.67
C ASP K 6 -17.07 19.44 -20.53
N PHE K 7 -17.05 19.98 -19.31
CA PHE K 7 -16.67 19.23 -18.13
C PHE K 7 -17.43 19.72 -16.91
N VAL K 8 -17.53 18.84 -15.91
CA VAL K 8 -18.21 19.13 -14.65
C VAL K 8 -17.19 19.02 -13.50
N VAL K 9 -17.26 19.97 -12.57
CA VAL K 9 -16.46 19.90 -11.35
C VAL K 9 -17.36 19.38 -10.23
N ILE K 10 -16.93 18.29 -9.59
CA ILE K 10 -17.65 17.75 -8.44
C ILE K 10 -16.74 17.70 -7.21
N LYS K 11 -17.15 18.43 -6.18
CA LYS K 11 -16.47 18.41 -4.89
C LYS K 11 -17.41 17.76 -3.87
N ALA K 12 -17.00 16.61 -3.34
CA ALA K 12 -17.75 15.90 -2.31
C ALA K 12 -17.80 16.70 -0.99
N LEU K 13 -19.01 16.98 -0.51
CA LEU K 13 -19.20 17.72 0.73
C LEU K 13 -19.38 16.76 1.91
N GLU K 14 -19.61 15.49 1.60
CA GLU K 14 -19.73 14.45 2.61
C GLU K 14 -19.07 13.16 2.11
N ASP K 15 -19.01 12.15 2.97
CA ASP K 15 -18.40 10.88 2.61
C ASP K 15 -19.32 10.04 1.72
N GLY K 16 -18.71 9.27 0.83
CA GLY K 16 -19.42 8.31 -0.02
C GLY K 16 -20.22 8.88 -1.18
N VAL K 17 -19.82 10.07 -1.65
CA VAL K 17 -20.49 10.71 -2.79
C VAL K 17 -20.19 9.92 -4.06
N ASN K 18 -21.22 9.71 -4.87
CA ASN K 18 -21.07 8.93 -6.08
C ASN K 18 -21.25 9.75 -7.36
N VAL K 19 -20.29 9.60 -8.26
CA VAL K 19 -20.42 10.14 -9.61
C VAL K 19 -20.55 8.95 -10.55
N ILE K 20 -21.73 8.83 -11.15
CA ILE K 20 -22.03 7.73 -12.04
C ILE K 20 -22.08 8.22 -13.48
N GLY K 21 -21.35 7.52 -14.35
CA GLY K 21 -21.26 7.88 -15.76
C GLY K 21 -22.17 7.03 -16.61
N LEU K 22 -23.05 7.70 -17.35
CA LEU K 22 -24.02 7.01 -18.19
C LEU K 22 -23.52 6.99 -19.64
N THR K 23 -23.88 5.93 -20.36
CA THR K 23 -23.28 5.65 -21.67
C THR K 23 -23.91 6.44 -22.80
N ARG K 24 -23.08 7.02 -23.66
CA ARG K 24 -23.55 7.61 -24.90
C ARG K 24 -23.97 6.48 -25.84
N GLY K 25 -25.14 6.63 -26.45
CA GLY K 25 -25.63 5.65 -27.41
C GLY K 25 -27.11 5.36 -27.28
N ALA K 26 -27.61 4.46 -28.11
CA ALA K 26 -29.03 4.13 -28.17
C ALA K 26 -29.58 3.62 -26.85
N ASP K 27 -28.77 2.85 -26.13
CA ASP K 27 -29.14 2.33 -24.81
C ASP K 27 -28.25 2.93 -23.73
N THR K 28 -28.78 3.01 -22.51
CA THR K 28 -28.18 3.79 -21.42
C THR K 28 -27.93 2.95 -20.19
N ARG K 29 -26.67 2.75 -19.82
CA ARG K 29 -26.35 2.03 -18.59
C ARG K 29 -25.32 2.76 -17.73
N PHE K 30 -25.22 2.38 -16.47
CA PHE K 30 -24.17 2.87 -15.59
C PHE K 30 -22.88 2.13 -15.93
N HIS K 31 -22.00 2.80 -16.67
CA HIS K 31 -20.77 2.17 -17.15
C HIS K 31 -19.65 2.28 -16.12
N HIS K 32 -19.65 3.37 -15.36
CA HIS K 32 -18.63 3.60 -14.33
C HIS K 32 -19.16 4.50 -13.23
N SER K 33 -18.91 4.12 -11.99
CA SER K 33 -19.24 4.94 -10.83
C SER K 33 -17.98 5.24 -10.03
N GLU K 34 -17.69 6.53 -9.84
CA GLU K 34 -16.55 6.95 -9.06
C GLU K 34 -16.97 7.33 -7.65
N LYS K 35 -16.13 7.05 -6.66
CA LYS K 35 -16.46 7.42 -5.28
C LYS K 35 -15.65 8.58 -4.73
N LEU K 36 -16.34 9.49 -4.04
CA LEU K 36 -15.75 10.69 -3.49
C LEU K 36 -16.05 10.80 -2.00
N ASP K 37 -15.01 10.68 -1.19
CA ASP K 37 -15.16 10.93 0.25
C ASP K 37 -14.86 12.40 0.60
N LYS K 38 -15.54 12.90 1.64
CA LYS K 38 -15.58 14.33 1.92
C LYS K 38 -14.31 15.09 1.55
N GLY K 39 -14.47 16.11 0.73
CA GLY K 39 -13.38 17.00 0.37
C GLY K 39 -12.61 16.59 -0.87
N GLU K 40 -12.99 15.46 -1.48
CA GLU K 40 -12.31 15.03 -2.69
C GLU K 40 -12.97 15.59 -3.95
N VAL K 41 -12.15 15.96 -4.92
CA VAL K 41 -12.63 16.61 -6.15
C VAL K 41 -12.45 15.71 -7.37
N LEU K 42 -13.48 15.67 -8.20
CA LEU K 42 -13.40 14.98 -9.48
C LEU K 42 -13.74 15.97 -10.57
N ILE K 43 -12.84 16.13 -11.54
CA ILE K 43 -13.12 16.95 -12.72
C ILE K 43 -13.35 15.99 -13.88
N ALA K 44 -14.55 16.01 -14.44
CA ALA K 44 -14.93 15.00 -15.42
C ALA K 44 -15.50 15.61 -16.69
N GLN K 45 -14.97 15.17 -17.83
CA GLN K 45 -15.44 15.60 -19.13
C GLN K 45 -16.55 14.71 -19.66
N PHE K 46 -17.52 15.29 -20.38
CA PHE K 46 -18.45 14.51 -21.19
C PHE K 46 -17.64 14.01 -22.34
N THR K 47 -17.76 12.72 -22.64
CA THR K 47 -16.84 12.12 -23.58
C THR K 47 -17.54 11.32 -24.64
N GLU K 48 -16.74 10.75 -25.55
CA GLU K 48 -17.23 9.85 -26.59
C GLU K 48 -18.13 8.76 -25.99
N HIS K 49 -17.70 8.19 -24.87
CA HIS K 49 -18.46 7.11 -24.25
C HIS K 49 -19.40 7.58 -23.14
N THR K 50 -19.22 8.81 -22.64
CA THR K 50 -20.05 9.30 -21.53
C THR K 50 -20.79 10.61 -21.84
N SER K 51 -22.13 10.55 -21.79
CA SER K 51 -23.00 11.68 -22.14
C SER K 51 -23.97 12.12 -21.03
N ALA K 52 -23.87 11.50 -19.86
CA ALA K 52 -24.64 11.90 -18.67
C ALA K 52 -23.89 11.55 -17.39
N ILE K 53 -23.73 12.55 -16.53
CA ILE K 53 -23.13 12.38 -15.21
C ILE K 53 -24.25 12.43 -14.19
N LYS K 54 -24.25 11.49 -13.25
CA LYS K 54 -25.21 11.49 -12.17
C LYS K 54 -24.45 11.60 -10.85
N VAL K 55 -24.88 12.56 -10.03
CA VAL K 55 -24.22 12.82 -8.75
C VAL K 55 -25.12 12.43 -7.58
N ARG K 56 -24.66 11.47 -6.77
CA ARG K 56 -25.39 10.97 -5.61
C ARG K 56 -24.72 11.42 -4.33
N GLY K 57 -25.49 12.01 -3.42
CA GLY K 57 -24.97 12.44 -2.11
C GLY K 57 -24.51 13.89 -2.11
N LYS K 58 -24.52 14.52 -0.93
CA LYS K 58 -24.21 15.96 -0.85
C LYS K 58 -22.85 16.32 -1.45
N ALA K 59 -22.90 17.20 -2.45
CA ALA K 59 -21.72 17.62 -3.16
C ALA K 59 -21.90 18.98 -3.83
N TYR K 60 -20.77 19.66 -4.05
CA TYR K 60 -20.71 20.98 -4.67
C TYR K 60 -20.38 20.77 -6.14
N ILE K 61 -21.20 21.35 -7.02
CA ILE K 61 -21.06 21.13 -8.46
C ILE K 61 -20.85 22.41 -9.25
N GLN K 62 -19.83 22.41 -10.11
CA GLN K 62 -19.53 23.54 -10.98
C GLN K 62 -19.62 23.12 -12.45
N THR K 63 -20.45 23.84 -13.21
CA THR K 63 -20.71 23.54 -14.60
C THR K 63 -20.46 24.77 -15.46
N ARG K 64 -20.42 24.55 -16.77
CA ARG K 64 -20.34 25.60 -17.77
C ARG K 64 -21.40 26.69 -17.52
N HIS K 65 -22.53 26.29 -16.93
CA HIS K 65 -23.57 27.23 -16.51
C HIS K 65 -23.14 28.01 -15.25
N GLY K 66 -23.76 27.72 -14.10
CA GLY K 66 -23.39 28.37 -12.83
C GLY K 66 -23.02 27.38 -11.72
N VAL K 67 -23.38 27.73 -10.48
CA VAL K 67 -23.20 26.81 -9.34
C VAL K 67 -24.54 26.20 -8.89
N SER L 5 -21.30 20.50 -27.76
CA SER L 5 -22.77 20.23 -27.64
C SER L 5 -23.37 20.69 -26.31
N ASP L 6 -24.68 20.92 -26.32
CA ASP L 6 -25.38 21.50 -25.18
C ASP L 6 -25.82 20.47 -24.15
N PHE L 7 -26.03 20.94 -22.92
CA PHE L 7 -26.38 20.10 -21.78
C PHE L 7 -27.32 20.82 -20.81
N VAL L 8 -28.08 20.03 -20.06
CA VAL L 8 -29.02 20.54 -19.07
C VAL L 8 -28.60 20.05 -17.68
N VAL L 9 -28.66 20.95 -16.69
CA VAL L 9 -28.44 20.53 -15.30
C VAL L 9 -29.80 20.39 -14.62
N ILE L 10 -30.04 19.23 -14.02
CA ILE L 10 -31.27 18.97 -13.29
C ILE L 10 -30.95 18.58 -11.85
N LYS L 11 -31.38 19.41 -10.90
CA LYS L 11 -31.31 19.07 -9.50
C LYS L 11 -32.72 18.83 -8.96
N ALA L 12 -32.95 17.62 -8.48
CA ALA L 12 -34.24 17.25 -7.88
C ALA L 12 -34.45 17.97 -6.56
N LEU L 13 -35.57 18.68 -6.45
CA LEU L 13 -35.91 19.41 -5.23
C LEU L 13 -36.87 18.62 -4.35
N GLU L 14 -37.42 17.54 -4.92
CA GLU L 14 -38.28 16.61 -4.21
C GLU L 14 -37.94 15.17 -4.60
N ASP L 15 -38.55 14.20 -3.91
CA ASP L 15 -38.35 12.78 -4.23
C ASP L 15 -39.12 12.38 -5.49
N GLY L 16 -38.53 11.46 -6.26
CA GLY L 16 -39.18 10.87 -7.42
C GLY L 16 -39.25 11.72 -8.68
N VAL L 17 -38.32 12.68 -8.82
CA VAL L 17 -38.24 13.52 -10.02
C VAL L 17 -37.82 12.68 -11.23
N ASN L 18 -38.51 12.89 -12.34
CA ASN L 18 -38.25 12.11 -13.55
C ASN L 18 -37.58 12.94 -14.63
N VAL L 19 -36.48 12.43 -15.18
CA VAL L 19 -35.90 12.98 -16.39
C VAL L 19 -36.10 11.95 -17.50
N ILE L 20 -36.94 12.32 -18.47
CA ILE L 20 -37.26 11.42 -19.56
C ILE L 20 -36.63 11.91 -20.85
N GLY L 21 -35.93 11.01 -21.54
CA GLY L 21 -35.26 11.33 -22.79
C GLY L 21 -36.05 10.90 -24.01
N LEU L 22 -36.33 11.85 -24.89
CA LEU L 22 -37.06 11.59 -26.12
C LEU L 22 -36.09 11.36 -27.27
N THR L 23 -36.49 10.51 -28.22
CA THR L 23 -35.57 10.08 -29.28
C THR L 23 -35.46 11.07 -30.44
N ARG L 24 -34.23 11.30 -30.89
CA ARG L 24 -34.00 12.02 -32.13
C ARG L 24 -34.41 11.15 -33.28
N GLY L 25 -35.14 11.73 -34.22
CA GLY L 25 -35.58 11.01 -35.41
C GLY L 25 -37.02 11.30 -35.79
N ALA L 26 -37.44 10.69 -36.88
CA ALA L 26 -38.76 10.91 -37.48
C ALA L 26 -39.89 10.67 -36.48
N ASP L 27 -39.71 9.67 -35.63
CA ASP L 27 -40.70 9.31 -34.64
C ASP L 27 -40.13 9.49 -33.23
N THR L 28 -40.99 9.75 -32.27
CA THR L 28 -40.56 10.20 -30.94
C THR L 28 -41.13 9.34 -29.83
N ARG L 29 -40.25 8.68 -29.09
CA ARG L 29 -40.67 7.88 -27.95
C ARG L 29 -39.84 8.17 -26.72
N PHE L 30 -40.33 7.78 -25.56
CA PHE L 30 -39.55 7.83 -24.34
C PHE L 30 -38.60 6.62 -24.31
N HIS L 31 -37.32 6.88 -24.61
CA HIS L 31 -36.32 5.83 -24.74
C HIS L 31 -35.66 5.51 -23.40
N HIS L 32 -35.61 6.50 -22.52
CA HIS L 32 -35.05 6.31 -21.20
C HIS L 32 -35.56 7.35 -20.21
N SER L 33 -35.89 6.90 -19.00
CA SER L 33 -36.31 7.78 -17.93
C SER L 33 -35.43 7.56 -16.71
N GLU L 34 -34.76 8.63 -16.26
CA GLU L 34 -33.93 8.56 -15.08
C GLU L 34 -34.68 9.09 -13.85
N LYS L 35 -34.35 8.52 -12.68
CA LYS L 35 -35.01 8.85 -11.43
C LYS L 35 -34.10 9.69 -10.54
N LEU L 36 -34.63 10.78 -10.00
CA LEU L 36 -33.88 11.64 -9.10
C LEU L 36 -34.64 11.88 -7.79
N ASP L 37 -34.08 11.38 -6.70
CA ASP L 37 -34.64 11.61 -5.37
C ASP L 37 -34.01 12.86 -4.74
N LYS L 38 -34.81 13.59 -3.95
CA LYS L 38 -34.46 14.93 -3.48
C LYS L 38 -32.96 15.15 -3.26
N GLY L 39 -32.43 16.17 -3.95
CA GLY L 39 -31.03 16.56 -3.80
C GLY L 39 -30.07 15.87 -4.74
N GLU L 40 -30.57 14.98 -5.59
CA GLU L 40 -29.73 14.34 -6.61
C GLU L 40 -29.63 15.17 -7.89
N VAL L 41 -28.43 15.19 -8.47
CA VAL L 41 -28.17 15.99 -9.66
C VAL L 41 -27.91 15.09 -10.86
N LEU L 42 -28.51 15.44 -11.99
CA LEU L 42 -28.19 14.80 -13.27
C LEU L 42 -27.77 15.87 -14.25
N ILE L 43 -26.58 15.69 -14.84
CA ILE L 43 -26.15 16.57 -15.92
C ILE L 43 -26.24 15.77 -17.20
N ALA L 44 -27.05 16.27 -18.14
CA ALA L 44 -27.42 15.51 -19.32
C ALA L 44 -27.19 16.29 -20.60
N GLN L 45 -26.47 15.69 -21.54
CA GLN L 45 -26.25 16.30 -22.85
C GLN L 45 -27.35 15.90 -23.82
N PHE L 46 -27.70 16.81 -24.73
CA PHE L 46 -28.48 16.46 -25.92
C PHE L 46 -27.55 15.66 -26.80
N THR L 47 -28.01 14.51 -27.28
CA THR L 47 -27.09 13.60 -27.98
C THR L 47 -27.60 13.18 -29.34
N GLU L 48 -26.79 12.39 -30.02
CA GLU L 48 -27.15 11.77 -31.29
C GLU L 48 -28.52 11.09 -31.17
N HIS L 49 -28.74 10.41 -30.05
CA HIS L 49 -29.96 9.64 -29.83
C HIS L 49 -31.06 10.42 -29.08
N THR L 50 -30.67 11.48 -28.37
CA THR L 50 -31.59 12.24 -27.51
C THR L 50 -31.66 13.72 -27.89
N SER L 51 -32.86 14.18 -28.25
CA SER L 51 -33.07 15.54 -28.71
C SER L 51 -34.16 16.31 -27.95
N ALA L 52 -34.71 15.67 -26.92
CA ALA L 52 -35.64 16.35 -26.00
C ALA L 52 -35.60 15.72 -24.61
N ILE L 53 -35.45 16.59 -23.60
CA ILE L 53 -35.47 16.16 -22.22
C ILE L 53 -36.76 16.66 -21.60
N LYS L 54 -37.45 15.76 -20.89
CA LYS L 54 -38.67 16.09 -20.17
C LYS L 54 -38.44 15.90 -18.68
N VAL L 55 -38.78 16.93 -17.90
CA VAL L 55 -38.60 16.92 -16.46
C VAL L 55 -39.93 16.89 -15.72
N ARG L 56 -40.17 15.81 -15.00
CA ARG L 56 -41.38 15.63 -14.21
C ARG L 56 -41.09 15.77 -12.72
N GLY L 57 -41.88 16.60 -12.03
CA GLY L 57 -41.75 16.79 -10.59
C GLY L 57 -40.86 17.96 -10.23
N LYS L 58 -41.06 18.53 -9.04
CA LYS L 58 -40.33 19.73 -8.62
C LYS L 58 -38.80 19.57 -8.71
N ALA L 59 -38.18 20.39 -9.54
CA ALA L 59 -36.73 20.34 -9.76
C ALA L 59 -36.17 21.68 -10.20
N TYR L 60 -34.89 21.88 -9.92
CA TYR L 60 -34.17 23.08 -10.34
C TYR L 60 -33.39 22.78 -11.62
N ILE L 61 -33.58 23.63 -12.64
CA ILE L 61 -33.00 23.39 -13.97
C ILE L 61 -32.10 24.53 -14.45
N GLN L 62 -30.89 24.16 -14.87
CA GLN L 62 -29.92 25.09 -15.46
C GLN L 62 -29.67 24.74 -16.93
N THR L 63 -29.86 25.71 -17.81
CA THR L 63 -29.53 25.54 -19.23
C THR L 63 -28.69 26.71 -19.74
N ARG L 64 -28.27 26.62 -21.00
CA ARG L 64 -27.56 27.70 -21.70
C ARG L 64 -28.33 29.04 -21.62
N HIS L 65 -29.66 28.96 -21.64
CA HIS L 65 -30.53 30.14 -21.54
C HIS L 65 -30.59 30.75 -20.14
N GLY L 66 -30.90 29.91 -19.15
CA GLY L 66 -31.03 30.37 -17.77
C GLY L 66 -31.57 29.31 -16.82
N VAL L 67 -32.55 29.71 -16.03
CA VAL L 67 -33.07 28.88 -14.95
C VAL L 67 -34.59 28.72 -15.02
N MET M 1 -26.59 2.24 -9.49
CA MET M 1 -26.45 3.22 -8.38
C MET M 1 -25.31 2.76 -7.49
N VAL M 2 -25.59 1.82 -6.58
CA VAL M 2 -24.56 1.22 -5.75
C VAL M 2 -23.81 0.14 -6.55
N ILE M 3 -24.45 -0.35 -7.60
CA ILE M 3 -23.84 -1.29 -8.54
C ILE M 3 -23.62 -0.66 -9.90
N ALA M 4 -22.40 -0.77 -10.40
CA ALA M 4 -22.04 -0.27 -11.72
C ALA M 4 -21.65 -1.42 -12.63
N THR M 5 -21.44 -1.12 -13.91
CA THR M 5 -20.94 -2.09 -14.88
C THR M 5 -19.60 -2.65 -14.41
N ASP M 6 -18.75 -1.75 -13.88
CA ASP M 6 -17.46 -2.12 -13.29
C ASP M 6 -17.60 -3.19 -12.21
N ASP M 7 -18.72 -3.15 -11.48
CA ASP M 7 -18.98 -4.11 -10.41
C ASP M 7 -19.40 -5.48 -10.97
N LEU M 8 -19.51 -5.57 -12.29
CA LEU M 8 -19.98 -6.79 -12.90
C LEU M 8 -18.93 -7.44 -13.78
N GLU M 9 -18.15 -6.59 -14.44
CA GLU M 9 -17.16 -7.06 -15.41
C GLU M 9 -15.87 -6.26 -15.27
N VAL M 10 -15.06 -6.94 -16.02
CA VAL M 10 -13.70 -6.40 -16.10
C VAL M 10 -13.06 -6.90 -17.37
N ALA M 11 -12.51 -5.96 -18.16
CA ALA M 11 -11.86 -6.32 -19.40
C ALA M 11 -10.71 -7.29 -19.11
N CYS M 12 -10.71 -8.39 -19.53
CA CYS M 12 -9.64 -9.38 -19.47
C CYS M 12 -8.28 -8.70 -19.63
N PRO M 13 -7.46 -8.66 -18.56
CA PRO M 13 -6.14 -8.04 -18.58
C PRO M 13 -5.18 -8.61 -19.64
N LYS M 14 -5.53 -9.78 -20.17
CA LYS M 14 -4.73 -10.44 -21.21
C LYS M 14 -5.09 -9.95 -22.62
N CYS M 15 -6.38 -10.00 -22.95
CA CYS M 15 -6.86 -9.63 -24.27
C CYS M 15 -7.53 -8.25 -24.33
N GLU M 16 -6.74 -7.23 -23.99
CA GLU M 16 -7.10 -5.81 -24.09
C GLU M 16 -7.94 -5.49 -25.33
N CYS M 26 -8.80 -16.23 -26.54
CA CYS M 26 -8.15 -15.97 -25.26
C CYS M 26 -8.56 -17.00 -24.20
N PRO M 27 -7.58 -17.75 -23.66
CA PRO M 27 -7.84 -18.74 -22.62
C PRO M 27 -8.26 -18.14 -21.28
N ALA M 28 -7.71 -16.97 -20.95
CA ALA M 28 -7.94 -16.30 -19.66
C ALA M 28 -9.40 -15.95 -19.40
N CYS M 29 -10.09 -15.48 -20.44
CA CYS M 29 -11.51 -15.12 -20.33
C CYS M 29 -12.42 -16.09 -21.07
N SER M 30 -11.82 -17.05 -21.77
CA SER M 30 -12.52 -18.03 -22.62
C SER M 30 -13.35 -17.36 -23.74
N GLY M 31 -12.75 -16.37 -24.40
CA GLY M 31 -13.38 -15.69 -25.52
C GLY M 31 -14.42 -14.64 -25.14
N LYS M 32 -14.80 -14.55 -23.71
CA LYS M 32 -15.72 -13.59 -23.13
C LYS M 32 -15.17 -12.18 -23.20
N GLY M 33 -13.84 -12.07 -23.23
CA GLY M 33 -13.19 -10.77 -23.31
C GLY M 33 -13.36 -9.95 -22.06
N VAL M 34 -13.03 -10.59 -21.12
CA VAL M 34 -13.91 -10.07 -20.07
C VAL M 34 -14.09 -11.11 -18.97
N ILE M 35 -13.86 -10.70 -17.72
CA ILE M 35 -14.02 -11.58 -16.57
C ILE M 35 -15.13 -11.07 -15.65
N LEU M 36 -15.95 -11.98 -15.15
CA LEU M 36 -17.03 -11.62 -14.23
C LEU M 36 -16.51 -11.40 -12.80
N THR M 37 -17.04 -10.40 -12.12
CA THR M 37 -16.73 -10.22 -10.69
C THR M 37 -17.62 -11.14 -9.85
N ALA M 38 -17.31 -11.20 -8.55
CA ALA M 38 -18.11 -11.96 -7.60
C ALA M 38 -19.56 -11.49 -7.62
N GLN M 39 -19.76 -10.18 -7.55
CA GLN M 39 -21.11 -9.58 -7.64
C GLN M 39 -21.82 -9.97 -8.93
N GLY M 40 -21.05 -10.11 -10.01
CA GLY M 40 -21.57 -10.58 -11.30
C GLY M 40 -22.21 -11.96 -11.20
N TYR M 41 -21.43 -12.93 -10.75
CA TYR M 41 -21.90 -14.30 -10.56
C TYR M 41 -23.10 -14.35 -9.62
N THR M 42 -22.98 -13.69 -8.47
CA THR M 42 -24.06 -13.63 -7.48
C THR M 42 -25.41 -13.37 -8.14
N LEU M 43 -25.47 -12.34 -8.98
CA LEU M 43 -26.71 -11.98 -9.68
C LEU M 43 -27.08 -13.03 -10.72
N LEU M 44 -26.11 -13.42 -11.54
CA LEU M 44 -26.35 -14.39 -12.61
C LEU M 44 -26.79 -15.76 -12.09
N ASP M 45 -26.09 -16.29 -11.08
CA ASP M 45 -26.47 -17.55 -10.45
C ASP M 45 -27.90 -17.49 -9.90
N PHE M 46 -28.22 -16.37 -9.25
CA PHE M 46 -29.53 -16.10 -8.68
C PHE M 46 -30.63 -16.16 -9.76
N ILE M 47 -30.38 -15.45 -10.87
CA ILE M 47 -31.34 -15.35 -11.96
C ILE M 47 -31.51 -16.69 -12.69
N GLN M 48 -30.39 -17.35 -13.01
CA GLN M 48 -30.43 -18.62 -13.74
C GLN M 48 -31.14 -19.71 -12.95
N LYS M 49 -30.97 -19.71 -11.62
CA LYS M 49 -31.59 -20.73 -10.78
C LYS M 49 -33.10 -20.54 -10.59
N HIS M 50 -33.61 -19.33 -10.86
CA HIS M 50 -35.00 -18.99 -10.58
C HIS M 50 -35.84 -18.60 -11.80
N LEU M 51 -35.19 -18.30 -12.91
CA LEU M 51 -35.85 -17.86 -14.15
C LEU M 51 -36.90 -18.85 -14.65
N LEU N 36 -37.07 -16.57 -1.02
CA LEU N 36 -36.47 -15.32 -1.60
C LEU N 36 -36.80 -14.09 -0.74
N THR N 37 -35.85 -13.16 -0.69
CA THR N 37 -36.05 -11.89 -0.01
C THR N 37 -36.84 -10.97 -0.92
N ALA N 38 -37.29 -9.83 -0.37
CA ALA N 38 -37.96 -8.81 -1.17
C ALA N 38 -37.04 -8.32 -2.30
N GLN N 39 -35.78 -8.03 -1.94
CA GLN N 39 -34.77 -7.63 -2.92
C GLN N 39 -34.58 -8.70 -4.02
N GLY N 40 -34.73 -9.96 -3.64
CA GLY N 40 -34.68 -11.07 -4.59
C GLY N 40 -35.75 -10.98 -5.65
N TYR N 41 -37.01 -10.91 -5.21
CA TYR N 41 -38.15 -10.76 -6.12
C TYR N 41 -38.02 -9.52 -7.00
N THR N 42 -37.71 -8.38 -6.38
CA THR N 42 -37.50 -7.10 -7.08
C THR N 42 -36.68 -7.31 -8.36
N LEU N 43 -35.50 -7.92 -8.20
CA LEU N 43 -34.61 -8.21 -9.33
C LEU N 43 -35.25 -9.20 -10.31
N LEU N 44 -35.74 -10.32 -9.78
CA LEU N 44 -36.31 -11.40 -10.59
C LEU N 44 -37.53 -10.96 -11.40
N ASP N 45 -38.45 -10.25 -10.75
CA ASP N 45 -39.63 -9.69 -11.41
C ASP N 45 -39.25 -8.73 -12.53
N PHE N 46 -38.25 -7.89 -12.26
CA PHE N 46 -37.74 -6.95 -13.23
C PHE N 46 -37.17 -7.66 -14.46
N ILE N 47 -36.35 -8.68 -14.22
CA ILE N 47 -35.68 -9.43 -15.28
C ILE N 47 -36.69 -10.23 -16.11
N GLN N 48 -37.59 -10.92 -15.42
CA GLN N 48 -38.58 -11.76 -16.11
C GLN N 48 -39.52 -10.93 -16.99
N LYS N 49 -39.87 -9.73 -16.53
CA LYS N 49 -40.78 -8.87 -17.27
C LYS N 49 -40.16 -8.27 -18.54
N HIS N 50 -38.82 -8.20 -18.58
CA HIS N 50 -38.11 -7.48 -19.65
C HIS N 50 -37.19 -8.33 -20.53
N LEU N 51 -36.88 -9.54 -20.08
CA LEU N 51 -35.95 -10.42 -20.81
C LEU N 51 -36.43 -10.75 -22.23
N ASN N 52 -35.53 -10.54 -23.20
CA ASN N 52 -35.84 -10.73 -24.62
C ASN N 52 -37.09 -10.00 -25.11
N MET O 1 -34.36 -0.06 0.87
CA MET O 1 -33.43 -1.10 0.35
C MET O 1 -32.39 -0.52 -0.63
N VAL O 2 -31.51 -1.40 -1.12
CA VAL O 2 -30.44 -1.02 -2.04
C VAL O 2 -31.00 -0.60 -3.40
N ILE O 3 -31.81 -1.48 -4.00
CA ILE O 3 -32.48 -1.18 -5.27
C ILE O 3 -33.93 -1.61 -5.19
N ALA O 4 -34.82 -0.62 -5.26
CA ALA O 4 -36.25 -0.88 -5.26
C ALA O 4 -36.78 -1.13 -6.68
N THR O 5 -38.09 -1.34 -6.77
CA THR O 5 -38.79 -1.48 -8.05
C THR O 5 -38.75 -0.16 -8.79
N ASP O 6 -38.91 0.94 -8.06
CA ASP O 6 -38.82 2.29 -8.60
C ASP O 6 -37.50 2.53 -9.33
N ASP O 7 -36.43 1.89 -8.84
CA ASP O 7 -35.12 2.02 -9.46
C ASP O 7 -34.98 1.13 -10.69
N LEU O 8 -35.43 0.64 -10.92
CA LEU O 8 -35.35 -0.05 -12.20
C LEU O 8 -36.35 0.41 -13.25
N GLU O 9 -37.63 0.47 -12.88
CA GLU O 9 -38.67 0.87 -13.82
C GLU O 9 -39.40 2.14 -13.43
N VAL O 10 -39.36 2.23 -14.51
CA VAL O 10 -40.25 3.37 -14.29
C VAL O 10 -41.44 3.41 -15.26
N ALA O 11 -42.62 3.76 -14.74
CA ALA O 11 -43.86 3.78 -15.52
C ALA O 11 -43.84 4.73 -16.74
N CYS O 12 -44.92 4.68 -17.54
CA CYS O 12 -45.03 5.45 -18.77
C CYS O 12 -45.90 6.69 -18.54
N PRO O 13 -45.29 7.89 -18.53
CA PRO O 13 -46.02 9.14 -18.27
C PRO O 13 -47.25 9.35 -19.17
N LYS O 14 -47.26 8.70 -20.33
CA LYS O 14 -48.33 8.83 -21.30
C LYS O 14 -49.47 7.82 -21.05
N CYS O 15 -49.11 6.54 -20.93
CA CYS O 15 -50.10 5.48 -20.70
C CYS O 15 -50.04 4.95 -19.27
N CYS O 26 -49.23 2.27 -27.25
CA CYS O 26 -48.52 3.43 -26.75
C CYS O 26 -47.19 3.60 -27.49
N PRO O 27 -47.03 4.69 -28.25
CA PRO O 27 -45.78 4.95 -28.99
C PRO O 27 -44.61 5.30 -28.06
N ALA O 28 -44.91 6.00 -26.98
CA ALA O 28 -43.90 6.53 -26.06
C ALA O 28 -43.07 5.44 -25.40
N CYS O 29 -43.72 4.34 -25.02
CA CYS O 29 -43.02 3.22 -24.38
C CYS O 29 -42.98 1.98 -25.28
N SER O 30 -43.61 2.09 -26.45
CA SER O 30 -43.70 1.00 -27.44
C SER O 30 -44.37 -0.25 -26.86
N GLY O 31 -45.47 -0.02 -26.15
CA GLY O 31 -46.28 -1.10 -25.57
C GLY O 31 -45.72 -1.78 -24.33
N LYS O 32 -44.47 -1.47 -23.96
CA LYS O 32 -43.81 -2.12 -22.82
C LYS O 32 -44.52 -1.81 -21.51
N GLY O 33 -45.18 -0.65 -21.45
CA GLY O 33 -45.97 -0.25 -20.28
C GLY O 33 -45.16 0.47 -19.22
N VAL O 34 -43.85 0.56 -19.46
CA VAL O 34 -42.88 1.10 -18.51
C VAL O 34 -41.63 1.53 -19.27
N ILE O 35 -40.96 2.58 -18.79
CA ILE O 35 -39.64 2.98 -19.32
C ILE O 35 -38.55 2.70 -18.28
N LEU O 36 -37.41 2.18 -18.75
CA LEU O 36 -36.32 1.70 -17.88
C LEU O 36 -35.38 2.81 -17.44
N THR O 37 -34.88 2.72 -16.21
CA THR O 37 -33.80 3.61 -15.77
C THR O 37 -32.45 3.10 -16.27
N ALA O 38 -31.41 3.90 -16.10
CA ALA O 38 -30.06 3.47 -16.44
C ALA O 38 -29.65 2.22 -15.64
N GLN O 39 -29.93 2.23 -14.34
CA GLN O 39 -29.71 1.08 -13.47
C GLN O 39 -30.41 -0.17 -14.01
N GLY O 40 -31.61 0.03 -14.55
CA GLY O 40 -32.38 -1.06 -15.16
C GLY O 40 -31.64 -1.73 -16.30
N TYR O 41 -31.27 -0.94 -17.31
CA TYR O 41 -30.51 -1.42 -18.48
C TYR O 41 -29.24 -2.13 -18.01
N THR O 42 -28.48 -1.46 -17.14
CA THR O 42 -27.22 -1.97 -16.60
C THR O 42 -27.35 -3.44 -16.21
N LEU O 43 -28.35 -3.76 -15.38
CA LEU O 43 -28.61 -5.14 -14.95
C LEU O 43 -29.04 -6.01 -16.13
N LEU O 44 -30.00 -5.52 -16.90
CA LEU O 44 -30.57 -6.28 -18.00
C LEU O 44 -29.56 -6.61 -19.11
N ASP O 45 -28.77 -5.61 -19.51
CA ASP O 45 -27.69 -5.82 -20.49
C ASP O 45 -26.69 -6.84 -19.96
N PHE O 46 -26.34 -6.76 -18.67
CA PHE O 46 -25.40 -7.71 -18.08
C PHE O 46 -25.94 -9.14 -18.08
N ILE O 47 -27.21 -9.30 -17.70
CA ILE O 47 -27.85 -10.62 -17.65
C ILE O 47 -28.01 -11.22 -19.04
N GLN O 48 -28.51 -10.42 -19.98
CA GLN O 48 -28.75 -10.89 -21.35
C GLN O 48 -27.45 -11.31 -22.04
N LYS O 49 -26.36 -10.60 -21.78
CA LYS O 49 -25.08 -10.91 -22.43
C LYS O 49 -24.41 -12.17 -21.87
N HIS O 50 -24.80 -12.61 -20.67
CA HIS O 50 -24.12 -13.73 -20.03
C HIS O 50 -24.99 -14.95 -19.67
N LEU O 51 -26.31 -14.80 -19.78
CA LEU O 51 -27.27 -15.86 -19.49
C LEU O 51 -27.03 -17.13 -20.33
N TRP P . 9.32 -19.40 32.03
CA TRP P . 8.72 -20.63 31.55
C TRP P . 8.49 -21.53 32.72
O TRP P . 9.31 -21.49 33.64
CB TRP P . 9.64 -21.33 30.55
CG TRP P . 9.05 -22.56 29.98
CD1 TRP P . 9.08 -23.80 30.54
CD2 TRP P . 8.34 -22.69 28.75
NE1 TRP P . 8.43 -24.68 29.73
CE2 TRP P . 7.97 -24.04 28.63
CE3 TRP P . 7.98 -21.80 27.73
CZ2 TRP P . 7.25 -24.52 27.53
CZ3 TRP P . 7.27 -22.28 26.64
CH2 TRP P . 6.91 -23.64 26.55
OXT TRP P . 7.52 -22.29 32.76
N TRP Q . -5.35 -23.55 30.40
CA TRP Q . -5.60 -24.87 30.93
C TRP Q . -5.17 -24.90 32.37
O TRP Q . -4.21 -24.22 32.72
CB TRP Q . -4.88 -25.96 30.10
CG TRP Q . -5.71 -26.34 28.96
CD1 TRP Q . -6.20 -25.50 27.99
CD2 TRP Q . -6.26 -27.62 28.68
NE1 TRP Q . -6.99 -26.19 27.12
CE2 TRP Q . -7.04 -27.50 27.51
CE3 TRP Q . -6.16 -28.87 29.30
CZ2 TRP Q . -7.71 -28.57 26.93
CZ3 TRP Q . -6.84 -29.95 28.73
CH2 TRP Q . -7.61 -29.79 27.55
OXT TRP Q . -5.80 -25.57 33.18
ZN ZN R . 29.24 -3.46 43.92
ZN ZN S . 25.11 12.17 7.43
ZN ZN T . -3.02 -13.02 19.23
N TRP U . -2.67 12.06 -19.78
CA TRP U . -1.43 12.81 -19.68
C TRP U . -0.39 12.13 -20.54
O TRP U . -0.55 12.16 -21.76
CB TRP U . -0.96 12.93 -18.23
CG TRP U . -1.95 13.64 -17.37
CD1 TRP U . -2.79 14.65 -17.75
CD2 TRP U . -2.23 13.38 -15.99
NE1 TRP U . -3.56 15.04 -16.69
CE2 TRP U . -3.24 14.28 -15.60
CE3 TRP U . -1.71 12.49 -15.05
CZ2 TRP U . -3.75 14.31 -14.29
CZ3 TRP U . -2.22 12.51 -13.75
CH2 TRP U . -3.24 13.42 -13.38
OXT TRP U . 0.59 11.55 -20.06
N TRP V . -16.11 7.69 -21.81
CA TRP V . -14.90 8.44 -22.20
C TRP V . -14.39 8.11 -23.62
O TRP V . -14.39 6.96 -24.04
CB TRP V . -13.78 8.28 -21.16
CG TRP V . -14.28 8.01 -19.78
CD1 TRP V . -14.35 6.80 -19.17
CD2 TRP V . -14.78 8.97 -18.85
NE1 TRP V . -14.88 6.94 -17.91
CE2 TRP V . -15.14 8.27 -17.68
CE3 TRP V . -14.96 10.37 -18.87
CZ2 TRP V . -15.68 8.90 -16.56
CZ3 TRP V . -15.49 10.99 -17.75
CH2 TRP V . -15.84 10.26 -16.60
OXT TRP V . -13.98 8.99 -24.37
ZN ZN W . 30.69 -7.41 4.14
ZN ZN X . -6.89 -0.98 -6.86
N TRP Y . -26.65 8.53 -24.86
CA TRP Y . -27.53 8.83 -23.74
C TRP Y . -28.49 7.66 -23.51
O TRP Y . -28.15 6.49 -23.74
CB TRP Y . -28.30 10.11 -24.04
CG TRP Y . -28.64 10.95 -22.85
CD1 TRP Y . -27.82 11.82 -22.22
CD2 TRP Y . -29.91 11.01 -22.18
NE1 TRP Y . -28.48 12.42 -21.18
CE2 TRP Y . -29.77 11.95 -21.13
CE3 TRP Y . -31.15 10.39 -22.36
CZ2 TRP Y . -30.81 12.26 -20.27
CZ3 TRP Y . -32.19 10.69 -21.49
CH2 TRP Y . -32.02 11.63 -20.46
OXT TRP Y . -29.63 7.81 -23.07
N TRP Z . -36.92 13.89 -32.98
CA TRP Z . -37.16 15.07 -32.15
C TRP Z . -36.96 14.80 -30.65
O TRP Z . -37.16 13.68 -30.16
CB TRP Z . -38.57 15.62 -32.39
CG TRP Z . -38.86 16.90 -31.64
CD1 TRP Z . -38.00 17.94 -31.43
CD2 TRP Z . -40.11 17.28 -31.05
NE1 TRP Z . -38.63 18.94 -30.73
CE2 TRP Z . -39.93 18.57 -30.49
CE3 TRP Z . -41.36 16.67 -30.94
CZ2 TRP Z . -40.94 19.24 -29.82
CZ3 TRP Z . -42.37 17.35 -30.26
CH2 TRP Z . -42.16 18.62 -29.72
OXT TRP Z . -36.61 15.70 -29.90
#